data_2WXP
#
_entry.id   2WXP
#
_cell.length_a   142.720
_cell.length_b   64.040
_cell.length_c   117.740
_cell.angle_alpha   90.00
_cell.angle_beta   103.62
_cell.angle_gamma   90.00
#
_symmetry.space_group_name_H-M   'C 1 2 1'
#
loop_
_entity.id
_entity.type
_entity.pdbx_description
1 polymer 'PHOSPHATIDYLINOSITOL-4,5-BISPHOSPHATE 3-KINASE CATALYTIC SUBUNIT DELTA ISOFORM'
2 non-polymer 2-(1H-indazol-4-yl)-6-{[4-(methylsulfonyl)piperazin-1-yl]methyl}-4-morpholin-4-yl-thieno[3,2-d]pyrimidine
3 water water
#
_entity_poly.entity_id   1
_entity_poly.type   'polypeptide(L)'
_entity_poly.pdbx_seq_one_letter_code
;GGDRVKKLINSQISLLIGKGLHEFDSLRDPEVNDFRTKMRQFCEEAAAHRQQLGWVEWLQYSFPLQLEPSARGWRAGLLR
VSNRALLVNVKFEGSEESFTFQVSTKDMPLALMACALRKKATVFRQPLVEQPEEYALQVNGRHEYLYGNYPLCHFQYICS
CLHSGLTPHLTMVHSSSILAMRDEQSNPAPQVQKPRAKPPPIPAKKPSSVSLWSLEQPFSIELIEGRKVNADERMKLVVQ
AGLFHGNEMLCKTVSSSEVNVCSEPVWKQRLEFDISVCDLPRMARLCFALYAVVEKAKKARSTKKKSKKADCPIAWANLM
LFDYKDQLKTGERCLYMWPSVPDEKGELLNPAGTVRGNPNTESAAALVIYLPEVAPHPVYFPALEKILELGRHGERGRIT
EEEQLQLREILERRGSGELYEHEKDLVWKMRHEVQEHFPEALARLLLVTKWNKHEDVAQMLYLLCSWPELPVLSALELLD
FSFPDCYVGSFAIKSLRKLTDDELFQYLLQLVQVLKYESYLDCELTKFLLGRALANRKIGHFLFWHLRSEMHVPSVALRF
GLIMEAYCRGSTHHMKVLMKQGEALSKLKALNDFVKVSSQKTTKPQTKEMMHMCMRQETYMEALSHLQSPLDPSTLLEEV
CVEQCTFMDSKMKPLWIMYSSEEAGSAGNVGIIFKNGDDLRQDMLTLQMIQLMDVLWKQEGLDLRMTPYGCLPTGDRTGL
IEVVLHSDTIANIQLNKSNMAATAAFNKDALLNWLKSKNPGEALDRAIEEFTLSCAGYCVATYVLGIGDRHSDNIMIRES
GQLFHIDFGHFLGNFKTKFGINRERVPFILTYDFVHVIQQGKTNNSEKFERFRGYCERAYTILRRHGLLFLHLFALMRAA
GLPELSCSKDIQYLKDSLALGKTEEEALKHFRVKFNEALRESWKTKVNWLAHNVSKDNRQ
;
_entity_poly.pdbx_strand_id   A
#
loop_
_chem_comp.id
_chem_comp.type
_chem_comp.name
_chem_comp.formula
GD9 non-polymer 2-(1H-indazol-4-yl)-6-{[4-(methylsulfonyl)piperazin-1-yl]methyl}-4-morpholin-4-yl-thieno[3,2-d]pyrimidine 'C23 H27 N7 O3 S2'
#
# COMPACT_ATOMS: atom_id res chain seq x y z
N VAL A 5 -28.70 21.58 0.67
CA VAL A 5 -27.72 20.77 1.48
C VAL A 5 -27.03 19.70 0.63
N LYS A 6 -27.83 18.99 -0.17
CA LYS A 6 -27.34 18.04 -1.18
C LYS A 6 -26.33 18.72 -2.13
N LYS A 7 -26.61 19.98 -2.47
CA LYS A 7 -25.67 20.88 -3.15
C LYS A 7 -24.38 21.08 -2.33
N LEU A 8 -24.52 21.33 -1.03
CA LEU A 8 -23.37 21.53 -0.14
C LEU A 8 -22.46 20.29 -0.13
N ILE A 9 -23.05 19.10 0.02
CA ILE A 9 -22.28 17.84 0.08
C ILE A 9 -21.46 17.71 -1.19
N ASN A 10 -22.16 17.81 -2.32
CA ASN A 10 -21.56 17.79 -3.65
C ASN A 10 -20.33 18.66 -3.76
N SER A 11 -20.43 19.91 -3.33
CA SER A 11 -19.28 20.81 -3.38
C SER A 11 -18.14 20.37 -2.42
N GLN A 12 -18.49 19.88 -1.25
CA GLN A 12 -17.48 19.39 -0.31
C GLN A 12 -16.75 18.14 -0.82
N ILE A 13 -17.48 17.22 -1.45
CA ILE A 13 -16.85 16.08 -2.14
C ILE A 13 -15.91 16.54 -3.25
N SER A 14 -16.32 17.55 -4.02
CA SER A 14 -15.50 18.02 -5.15
C SER A 14 -14.19 18.60 -4.63
N LEU A 15 -14.29 19.36 -3.56
CA LEU A 15 -13.14 19.92 -2.91
C LEU A 15 -12.24 18.79 -2.32
N LEU A 16 -12.87 17.79 -1.69
CA LEU A 16 -12.12 16.70 -1.04
C LEU A 16 -11.34 15.80 -2.00
N ILE A 17 -11.97 15.43 -3.11
CA ILE A 17 -11.34 14.53 -4.07
C ILE A 17 -10.42 15.24 -5.06
N GLY A 18 -10.38 16.57 -5.04
CA GLY A 18 -9.56 17.29 -5.99
C GLY A 18 -10.06 17.22 -7.44
N LYS A 19 -11.36 17.07 -7.62
CA LYS A 19 -11.99 17.11 -8.91
C LYS A 19 -13.45 17.52 -8.77
N GLY A 20 -13.88 18.44 -9.62
CA GLY A 20 -15.28 18.92 -9.63
C GLY A 20 -16.21 17.86 -10.20
N LEU A 21 -17.31 17.58 -9.50
CA LEU A 21 -18.28 16.55 -9.89
C LEU A 21 -18.89 16.80 -11.26
N HIS A 22 -18.95 18.07 -11.62
CA HIS A 22 -19.53 18.53 -12.87
C HIS A 22 -18.73 17.93 -14.01
N GLU A 23 -17.43 17.76 -13.77
CA GLU A 23 -16.52 17.18 -14.73
C GLU A 23 -16.87 15.73 -15.13
N PHE A 24 -17.51 14.97 -14.24
CA PHE A 24 -18.04 13.64 -14.58
C PHE A 24 -19.23 13.76 -15.51
N ASP A 25 -20.12 14.72 -15.22
CA ASP A 25 -21.27 15.01 -16.08
C ASP A 25 -20.87 15.41 -17.49
N SER A 26 -19.91 16.33 -17.60
CA SER A 26 -19.47 16.84 -18.90
C SER A 26 -19.09 15.77 -19.91
N LEU A 27 -18.71 14.61 -19.39
CA LEU A 27 -18.27 13.48 -20.24
C LEU A 27 -19.41 12.81 -20.98
N ARG A 28 -20.63 12.95 -20.46
CA ARG A 28 -21.80 12.36 -21.06
C ARG A 28 -21.55 10.90 -21.39
N ASP A 29 -20.92 10.19 -20.44
CA ASP A 29 -20.51 8.78 -20.60
C ASP A 29 -21.43 7.79 -19.89
N PRO A 30 -22.10 6.88 -20.65
CA PRO A 30 -22.95 5.86 -20.06
C PRO A 30 -22.26 5.09 -18.94
N GLU A 31 -21.01 4.66 -19.16
CA GLU A 31 -20.27 3.86 -18.17
C GLU A 31 -20.03 4.60 -16.84
N VAL A 32 -19.64 5.86 -16.94
CA VAL A 32 -19.44 6.73 -15.80
C VAL A 32 -20.77 6.90 -15.08
N ASN A 33 -21.81 7.21 -15.85
CA ASN A 33 -23.16 7.33 -15.36
C ASN A 33 -23.62 6.12 -14.56
N ASP A 34 -23.46 4.96 -15.17
CA ASP A 34 -23.87 3.71 -14.57
C ASP A 34 -23.07 3.45 -13.30
N PHE A 35 -21.74 3.53 -13.37
CA PHE A 35 -20.89 3.37 -12.22
C PHE A 35 -21.37 4.27 -11.10
N ARG A 36 -21.59 5.55 -11.41
CA ARG A 36 -21.94 6.51 -10.36
C ARG A 36 -23.25 6.17 -9.65
N THR A 37 -24.23 5.70 -10.39
CA THR A 37 -25.53 5.47 -9.77
C THR A 37 -25.59 4.13 -9.03
N LYS A 38 -25.03 3.08 -9.64
CA LYS A 38 -24.88 1.77 -9.01
C LYS A 38 -24.10 1.90 -7.71
N MET A 39 -22.93 2.52 -7.80
CA MET A 39 -22.06 2.54 -6.64
C MET A 39 -22.57 3.43 -5.52
N ARG A 40 -23.23 4.54 -5.87
CA ARG A 40 -23.93 5.34 -4.88
C ARG A 40 -24.96 4.52 -4.09
N GLN A 41 -25.80 3.75 -4.81
CA GLN A 41 -26.80 2.88 -4.21
C GLN A 41 -26.17 1.88 -3.24
N PHE A 42 -25.13 1.20 -3.70
CA PHE A 42 -24.40 0.22 -2.90
C PHE A 42 -23.78 0.81 -1.63
N CYS A 43 -23.34 2.07 -1.71
CA CYS A 43 -22.67 2.72 -0.60
C CYS A 43 -23.63 3.27 0.44
N GLU A 44 -24.71 3.86 -0.03
CA GLU A 44 -25.82 4.23 0.81
C GLU A 44 -26.46 3.11 1.61
N GLU A 45 -26.55 1.90 1.06
CA GLU A 45 -27.09 0.77 1.83
C GLU A 45 -26.12 0.36 2.94
N ALA A 46 -24.82 0.40 2.63
CA ALA A 46 -23.82 0.13 3.66
C ALA A 46 -23.89 1.15 4.79
N ALA A 47 -24.22 2.39 4.44
CA ALA A 47 -24.29 3.45 5.44
C ALA A 47 -25.54 3.27 6.28
N ALA A 48 -26.62 2.76 5.68
CA ALA A 48 -27.85 2.44 6.42
C ALA A 48 -27.59 1.35 7.44
N HIS A 49 -26.88 0.32 7.00
CA HIS A 49 -26.55 -0.82 7.86
C HIS A 49 -25.80 -0.35 9.09
N ARG A 50 -24.90 0.59 8.86
CA ARG A 50 -23.97 1.11 9.85
C ARG A 50 -24.65 1.87 10.97
N GLN A 51 -25.75 2.55 10.65
CA GLN A 51 -26.43 3.41 11.62
C GLN A 51 -27.22 2.63 12.63
N GLN A 52 -27.31 1.34 12.37
CA GLN A 52 -28.04 0.41 13.22
C GLN A 52 -27.19 -0.72 13.85
N LEU A 53 -25.87 -0.64 13.70
CA LEU A 53 -24.95 -1.54 14.41
C LEU A 53 -25.14 -1.46 15.94
N GLY A 54 -24.94 -2.56 16.63
CA GLY A 54 -24.84 -2.51 18.09
C GLY A 54 -23.62 -1.67 18.47
N TRP A 55 -23.57 -1.17 19.70
CA TRP A 55 -22.48 -0.30 20.08
C TRP A 55 -21.11 -0.99 20.06
N VAL A 56 -21.02 -2.24 20.47
CA VAL A 56 -19.75 -2.94 20.32
C VAL A 56 -19.38 -3.08 18.82
N GLU A 57 -20.38 -3.34 17.98
CA GLU A 57 -20.18 -3.46 16.54
C GLU A 57 -19.76 -2.17 15.91
N TRP A 58 -20.34 -1.06 16.37
CA TRP A 58 -19.94 0.27 15.90
C TRP A 58 -18.49 0.53 16.25
N LEU A 59 -18.10 0.18 17.46
CA LEU A 59 -16.71 0.35 17.89
C LEU A 59 -15.82 -0.41 16.95
N GLN A 60 -16.21 -1.66 16.64
CA GLN A 60 -15.48 -2.50 15.70
C GLN A 60 -15.27 -1.84 14.32
N TYR A 61 -16.24 -1.04 13.87
CA TYR A 61 -16.19 -0.35 12.59
C TYR A 61 -15.26 0.85 12.68
N SER A 62 -15.39 1.58 13.79
CA SER A 62 -14.90 2.92 13.90
C SER A 62 -13.46 2.92 14.43
N PHE A 63 -13.22 2.10 15.46
CA PHE A 63 -11.92 1.90 16.06
C PHE A 63 -11.58 0.39 16.16
N PRO A 64 -11.15 -0.19 15.01
CA PRO A 64 -10.87 -1.63 15.06
C PRO A 64 -9.66 -1.94 15.93
N LEU A 65 -9.67 -3.13 16.50
CA LEU A 65 -8.68 -3.53 17.49
C LEU A 65 -7.23 -3.61 16.98
N GLN A 66 -6.32 -3.20 17.86
CA GLN A 66 -4.91 -3.21 17.55
C GLN A 66 -4.25 -4.28 18.40
N LEU A 67 -4.18 -5.46 17.81
CA LEU A 67 -3.75 -6.68 18.45
C LEU A 67 -2.34 -7.07 17.99
N GLU A 68 -1.58 -7.72 18.88
CA GLU A 68 -0.28 -8.33 18.48
C GLU A 68 -0.50 -9.45 17.45
N PRO A 69 0.46 -9.62 16.52
CA PRO A 69 0.41 -10.67 15.48
C PRO A 69 0.30 -12.11 16.00
N ASN A 83 0.41 -14.12 35.04
CA ASN A 83 1.80 -14.17 34.63
C ASN A 83 2.65 -13.01 35.19
N ARG A 84 2.48 -11.80 34.64
CA ARG A 84 3.25 -10.62 35.06
C ARG A 84 2.37 -9.43 35.51
N ALA A 85 2.76 -8.77 36.58
CA ALA A 85 2.00 -7.63 37.10
C ALA A 85 2.30 -6.35 36.31
N LEU A 86 1.25 -5.58 36.00
CA LEU A 86 1.48 -4.23 35.49
C LEU A 86 0.55 -3.22 36.15
N LEU A 87 1.04 -1.99 36.30
CA LEU A 87 0.20 -0.89 36.80
C LEU A 87 -0.53 -0.20 35.65
N VAL A 88 -1.80 0.10 35.85
CA VAL A 88 -2.60 0.83 34.87
C VAL A 88 -3.39 1.90 35.59
N ASN A 89 -3.56 3.06 34.96
CA ASN A 89 -4.39 4.12 35.47
C ASN A 89 -5.71 4.19 34.69
N VAL A 90 -6.82 4.31 35.42
CA VAL A 90 -8.16 4.32 34.80
C VAL A 90 -8.99 5.44 35.37
N LYS A 91 -9.83 6.02 34.52
CA LYS A 91 -10.67 7.16 34.86
C LYS A 91 -11.96 7.04 34.10
N PHE A 92 -12.96 7.80 34.52
CA PHE A 92 -14.25 7.80 33.84
C PHE A 92 -14.34 9.06 33.01
N GLU A 93 -15.18 9.03 31.99
CA GLU A 93 -15.18 10.05 30.93
C GLU A 93 -15.25 11.51 31.42
N GLY A 94 -16.30 11.83 32.17
CA GLY A 94 -16.50 13.21 32.60
C GLY A 94 -15.98 13.50 33.98
N SER A 95 -14.70 13.19 34.22
CA SER A 95 -14.12 13.29 35.57
C SER A 95 -12.61 13.47 35.62
N GLU A 96 -12.19 14.30 36.56
CA GLU A 96 -10.77 14.53 36.85
C GLU A 96 -10.12 13.36 37.60
N GLU A 97 -10.85 12.81 38.55
CA GLU A 97 -10.35 11.80 39.45
C GLU A 97 -10.03 10.49 38.72
N SER A 98 -9.11 9.71 39.27
CA SER A 98 -8.62 8.51 38.60
C SER A 98 -7.98 7.52 39.55
N PHE A 99 -7.91 6.26 39.13
CA PHE A 99 -7.45 5.19 39.97
C PHE A 99 -6.31 4.43 39.30
N THR A 100 -5.19 4.24 40.00
CA THR A 100 -4.16 3.31 39.55
C THR A 100 -4.42 1.92 40.16
N PHE A 101 -4.37 0.90 39.29
CA PHE A 101 -4.64 -0.49 39.66
C PHE A 101 -3.45 -1.37 39.30
N GLN A 102 -3.21 -2.39 40.10
CA GLN A 102 -2.33 -3.47 39.73
C GLN A 102 -3.15 -4.60 39.12
N VAL A 103 -2.75 -5.06 37.94
CA VAL A 103 -3.37 -6.23 37.31
C VAL A 103 -2.32 -7.17 36.68
N SER A 104 -2.78 -8.30 36.17
CA SER A 104 -1.92 -9.19 35.41
C SER A 104 -2.08 -8.93 33.93
N THR A 105 -0.97 -9.07 33.22
CA THR A 105 -0.98 -9.07 31.76
C THR A 105 -1.96 -10.09 31.17
N LYS A 106 -2.31 -11.12 31.94
CA LYS A 106 -3.20 -12.19 31.48
C LYS A 106 -4.69 -11.86 31.66
N ASP A 107 -5.00 -10.80 32.42
CA ASP A 107 -6.39 -10.39 32.66
C ASP A 107 -7.06 -9.82 31.40
N MET A 108 -8.34 -10.14 31.21
CA MET A 108 -9.18 -9.57 30.15
C MET A 108 -9.54 -8.15 30.48
N PRO A 109 -9.82 -7.30 29.46
CA PRO A 109 -10.25 -5.94 29.75
C PRO A 109 -11.44 -5.87 30.70
N LEU A 110 -12.28 -6.91 30.74
CA LEU A 110 -13.49 -6.88 31.56
C LEU A 110 -13.17 -6.86 33.06
N ALA A 111 -12.19 -7.70 33.44
CA ALA A 111 -11.70 -7.80 34.79
C ALA A 111 -11.25 -6.45 35.29
N LEU A 112 -10.52 -5.75 34.42
CA LEU A 112 -9.98 -4.46 34.73
C LEU A 112 -11.10 -3.45 34.85
N MET A 113 -12.08 -3.54 33.96
CA MET A 113 -13.24 -2.67 34.05
C MET A 113 -14.03 -2.91 35.36
N ALA A 114 -14.02 -4.14 35.85
CA ALA A 114 -14.71 -4.49 37.09
C ALA A 114 -14.08 -3.85 38.33
N CYS A 115 -12.75 -3.78 38.37
CA CYS A 115 -12.07 -3.08 39.48
C CYS A 115 -12.45 -1.62 39.47
N ALA A 116 -12.34 -1.03 38.28
CA ALA A 116 -12.59 0.38 38.10
C ALA A 116 -13.94 0.79 38.69
N LEU A 117 -14.94 -0.07 38.53
CA LEU A 117 -16.28 0.24 39.02
C LEU A 117 -16.41 0.06 40.53
N ARG A 118 -15.73 -0.94 41.08
CA ARG A 118 -15.67 -1.12 42.53
C ARG A 118 -15.00 0.11 43.17
N LYS A 119 -13.91 0.58 42.56
CA LYS A 119 -13.23 1.82 43.00
C LYS A 119 -14.09 3.08 42.86
N LYS A 120 -14.91 3.14 41.81
CA LYS A 120 -15.85 4.25 41.65
C LYS A 120 -16.97 4.17 42.69
N ALA A 121 -17.53 2.97 42.86
CA ALA A 121 -18.64 2.78 43.78
C ALA A 121 -18.27 3.08 45.24
N THR A 122 -17.02 2.80 45.64
CA THR A 122 -16.61 3.07 47.02
C THR A 122 -16.33 4.56 47.29
N VAL A 123 -15.70 5.26 46.35
CA VAL A 123 -15.55 6.71 46.43
C VAL A 123 -16.94 7.37 46.36
N PHE A 124 -17.69 7.02 45.32
CA PHE A 124 -19.00 7.60 45.00
C PHE A 124 -20.10 7.22 46.00
N ARG A 125 -19.82 6.20 46.82
CA ARG A 125 -20.79 5.57 47.73
C ARG A 125 -21.90 4.78 47.01
N GLN A 126 -21.55 4.21 45.86
CA GLN A 126 -22.40 3.32 45.06
C GLN A 126 -23.63 4.03 44.45
N GLN A 131 -22.40 -2.69 35.92
CA GLN A 131 -22.15 -3.68 34.87
C GLN A 131 -20.98 -3.41 33.92
N PRO A 132 -19.88 -4.17 34.07
CA PRO A 132 -18.66 -4.00 33.25
C PRO A 132 -18.93 -4.07 31.75
N GLU A 133 -19.90 -4.90 31.38
CA GLU A 133 -20.25 -5.16 29.97
C GLU A 133 -20.83 -3.96 29.26
N GLU A 134 -21.20 -2.92 30.01
CA GLU A 134 -21.74 -1.69 29.43
C GLU A 134 -20.64 -0.71 28.98
N TYR A 135 -19.38 -1.08 29.15
CA TYR A 135 -18.30 -0.14 28.87
C TYR A 135 -17.30 -0.66 27.86
N ALA A 136 -16.52 0.26 27.30
CA ALA A 136 -15.29 -0.10 26.67
C ALA A 136 -14.20 0.82 27.23
N LEU A 137 -12.96 0.39 27.09
CA LEU A 137 -11.82 1.18 27.51
C LEU A 137 -11.17 1.97 26.37
N GLN A 138 -11.08 3.29 26.54
CA GLN A 138 -10.41 4.15 25.58
C GLN A 138 -8.98 4.41 26.02
N VAL A 139 -8.06 4.37 25.05
CA VAL A 139 -6.68 4.79 25.26
C VAL A 139 -6.71 6.32 25.29
N ASN A 140 -6.20 6.90 26.36
CA ASN A 140 -6.31 8.36 26.58
C ASN A 140 -5.76 9.19 25.42
N GLY A 141 -6.61 10.07 24.91
CA GLY A 141 -6.25 10.99 23.85
C GLY A 141 -6.01 10.41 22.46
N ARG A 142 -6.39 9.13 22.26
CA ARG A 142 -6.34 8.49 20.93
C ARG A 142 -7.70 7.95 20.54
N HIS A 143 -7.93 7.76 19.25
CA HIS A 143 -9.08 6.97 18.82
C HIS A 143 -8.76 5.46 18.86
N GLU A 144 -8.48 4.93 20.03
CA GLU A 144 -8.13 3.50 20.18
C GLU A 144 -8.80 2.94 21.40
N TYR A 145 -9.21 1.68 21.34
CA TYR A 145 -10.05 1.14 22.40
C TYR A 145 -9.68 -0.28 22.74
N LEU A 146 -9.93 -0.69 23.98
CA LEU A 146 -9.67 -2.05 24.42
C LEU A 146 -10.99 -2.67 24.84
N TYR A 147 -11.28 -3.82 24.22
CA TYR A 147 -12.48 -4.59 24.45
C TYR A 147 -12.20 -5.91 23.77
N GLY A 148 -13.10 -6.87 23.97
CA GLY A 148 -12.93 -8.22 23.42
C GLY A 148 -12.42 -9.21 24.47
N ASN A 149 -12.34 -10.48 24.08
CA ASN A 149 -11.80 -11.55 24.92
C ASN A 149 -10.34 -11.74 24.71
N TYR A 150 -9.54 -10.75 25.07
CA TYR A 150 -8.11 -10.82 24.82
C TYR A 150 -7.36 -10.44 26.08
N PRO A 151 -6.33 -11.21 26.44
CA PRO A 151 -5.48 -10.79 27.56
C PRO A 151 -4.84 -9.45 27.25
N LEU A 152 -4.70 -8.61 28.27
CA LEU A 152 -4.22 -7.25 28.06
C LEU A 152 -2.98 -7.20 27.18
N CYS A 153 -2.07 -8.16 27.39
CA CYS A 153 -0.81 -8.15 26.67
C CYS A 153 -0.91 -8.53 25.17
N HIS A 154 -2.12 -8.87 24.72
CA HIS A 154 -2.40 -9.10 23.29
C HIS A 154 -2.76 -7.79 22.59
N PHE A 155 -3.09 -6.76 23.37
CA PHE A 155 -3.34 -5.41 22.81
C PHE A 155 -2.02 -4.70 22.55
N GLN A 156 -1.78 -4.32 21.30
CA GLN A 156 -0.60 -3.55 20.94
C GLN A 156 -0.27 -2.46 21.94
N TYR A 157 -1.28 -1.73 22.42
CA TYR A 157 -1.01 -0.65 23.36
C TYR A 157 -0.40 -1.16 24.67
N ILE A 158 -0.97 -2.23 25.22
CA ILE A 158 -0.46 -2.80 26.45
C ILE A 158 0.93 -3.35 26.20
N CYS A 159 1.11 -4.03 25.07
CA CYS A 159 2.44 -4.51 24.68
C CYS A 159 3.51 -3.44 24.67
N SER A 160 3.20 -2.34 24.00
CA SER A 160 4.04 -1.15 23.90
C SER A 160 4.45 -0.67 25.29
N CYS A 161 3.45 -0.51 26.15
CA CYS A 161 3.64 0.05 27.47
C CYS A 161 4.59 -0.81 28.29
N LEU A 162 4.46 -2.12 28.15
CA LEU A 162 5.29 -3.09 28.86
C LEU A 162 6.75 -3.00 28.45
N HIS A 163 6.98 -2.81 27.16
CA HIS A 163 8.33 -2.67 26.65
C HIS A 163 8.97 -1.36 27.08
N SER A 164 8.38 -0.24 26.67
CA SER A 164 8.92 1.08 26.97
C SER A 164 9.02 1.32 28.49
N GLY A 165 8.15 0.68 29.26
CA GLY A 165 8.15 0.80 30.71
C GLY A 165 7.05 1.71 31.24
N LEU A 166 6.36 2.40 30.34
CA LEU A 166 5.30 3.36 30.70
C LEU A 166 4.04 2.69 31.29
N THR A 167 3.21 3.46 31.98
CA THR A 167 1.98 2.97 32.60
C THR A 167 0.80 3.20 31.65
N PRO A 168 0.09 2.13 31.27
CA PRO A 168 -1.13 2.32 30.48
C PRO A 168 -2.14 3.29 31.15
N HIS A 169 -2.72 4.17 30.35
CA HIS A 169 -3.71 5.13 30.83
C HIS A 169 -4.99 4.98 30.00
N LEU A 170 -6.08 4.64 30.67
CA LEU A 170 -7.33 4.29 29.99
C LEU A 170 -8.53 5.01 30.59
N THR A 171 -9.54 5.23 29.75
CA THR A 171 -10.79 5.83 30.22
C THR A 171 -11.93 4.86 30.00
N MET A 172 -12.80 4.75 31.00
CA MET A 172 -14.01 3.96 30.97
C MET A 172 -15.10 4.73 30.23
N VAL A 173 -15.43 4.28 29.02
CA VAL A 173 -16.48 4.94 28.26
C VAL A 173 -17.71 4.06 28.23
N HIS A 174 -18.83 4.62 28.69
CA HIS A 174 -20.12 3.95 28.73
C HIS A 174 -20.70 3.72 27.35
N SER A 175 -21.61 2.76 27.26
CA SER A 175 -22.25 2.38 25.99
C SER A 175 -23.10 3.51 25.40
N SER A 176 -23.80 4.26 26.24
CA SER A 176 -24.58 5.44 25.82
C SER A 176 -23.71 6.54 25.19
N SER A 177 -22.45 6.61 25.61
CA SER A 177 -21.53 7.62 25.08
C SER A 177 -21.07 7.20 23.68
N ILE A 178 -20.82 5.91 23.51
CA ILE A 178 -20.47 5.38 22.21
C ILE A 178 -21.64 5.49 21.21
N LEU A 179 -22.86 5.29 21.69
CA LEU A 179 -24.02 5.41 20.82
C LEU A 179 -24.28 6.85 20.41
N ALA A 180 -24.02 7.77 21.32
CA ALA A 180 -24.07 9.20 21.02
C ALA A 180 -23.10 9.53 19.88
N MET A 181 -21.98 8.84 19.84
CA MET A 181 -21.04 8.99 18.74
C MET A 181 -21.59 8.44 17.43
N ARG A 182 -22.07 7.20 17.43
CA ARG A 182 -22.69 6.60 16.24
C ARG A 182 -23.84 7.46 15.74
N ASP A 183 -24.64 7.98 16.67
CA ASP A 183 -25.77 8.84 16.33
C ASP A 183 -25.37 10.11 15.59
N GLU A 184 -24.30 10.76 16.05
CA GLU A 184 -23.91 12.04 15.45
C GLU A 184 -23.30 11.93 14.05
N GLN A 185 -23.00 10.70 13.64
CA GLN A 185 -22.25 10.42 12.42
C GLN A 185 -23.13 9.90 11.29
N SER A 186 -24.44 10.08 11.43
CA SER A 186 -25.40 9.72 10.37
C SER A 186 -25.13 10.47 9.07
N ASN A 187 -25.77 10.01 7.97
CA ASN A 187 -25.61 10.64 6.63
C ASN A 187 -26.50 11.86 6.41
N LEU A 212 -20.78 -13.33 -31.98
CA LEU A 212 -21.02 -14.43 -31.07
C LEU A 212 -20.29 -15.64 -31.64
N TRP A 213 -20.66 -16.85 -31.24
CA TRP A 213 -20.03 -18.05 -31.79
C TRP A 213 -20.08 -18.12 -33.33
N SER A 214 -20.96 -17.33 -33.92
CA SER A 214 -21.32 -17.46 -35.33
C SER A 214 -20.29 -16.98 -36.34
N LEU A 215 -19.32 -16.19 -35.90
CA LEU A 215 -18.54 -15.40 -36.83
C LEU A 215 -17.11 -15.93 -37.02
N GLU A 216 -16.92 -16.72 -38.08
CA GLU A 216 -15.65 -17.41 -38.37
C GLU A 216 -14.61 -16.58 -39.14
N GLN A 217 -15.03 -15.48 -39.77
CA GLN A 217 -14.10 -14.62 -40.52
C GLN A 217 -13.05 -13.99 -39.59
N PRO A 218 -11.88 -13.62 -40.15
CA PRO A 218 -10.81 -12.96 -39.39
C PRO A 218 -11.25 -11.62 -38.76
N PHE A 219 -10.72 -11.28 -37.58
CA PHE A 219 -10.95 -9.95 -37.04
C PHE A 219 -10.05 -8.96 -37.76
N SER A 220 -10.52 -7.72 -37.90
CA SER A 220 -9.83 -6.73 -38.70
C SER A 220 -10.44 -5.36 -38.49
N ILE A 221 -9.66 -4.33 -38.82
CA ILE A 221 -10.05 -2.95 -38.57
C ILE A 221 -9.57 -2.10 -39.76
N GLU A 222 -10.26 -0.97 -40.02
CA GLU A 222 -9.69 0.08 -40.83
C GLU A 222 -8.92 1.03 -39.92
N LEU A 223 -7.63 1.19 -40.21
CA LEU A 223 -6.84 2.29 -39.69
C LEU A 223 -7.06 3.46 -40.64
N ILE A 224 -7.73 4.51 -40.16
CA ILE A 224 -8.15 5.61 -41.02
C ILE A 224 -7.11 6.71 -41.17
N GLU A 225 -6.79 7.39 -40.06
CA GLU A 225 -5.86 8.54 -40.05
C GLU A 225 -5.39 8.91 -38.62
N GLY A 226 -4.47 9.87 -38.53
CA GLY A 226 -4.01 10.43 -37.25
C GLY A 226 -3.75 11.92 -37.32
N ARG A 227 -3.38 12.54 -36.18
CA ARG A 227 -3.09 14.00 -36.13
C ARG A 227 -1.97 14.42 -35.15
N LYS A 228 -0.88 13.65 -35.22
CA LYS A 228 0.29 13.71 -34.35
C LYS A 228 1.28 14.88 -34.54
N VAL A 229 2.56 14.61 -34.21
CA VAL A 229 3.70 15.56 -34.20
C VAL A 229 5.09 14.86 -34.33
N ASN A 230 5.81 15.04 -35.45
CA ASN A 230 7.20 14.47 -35.57
C ASN A 230 8.20 14.84 -36.71
N ALA A 231 9.29 14.07 -36.77
CA ALA A 231 10.49 14.36 -37.58
C ALA A 231 10.56 13.56 -38.87
N MET A 235 11.69 11.16 -42.46
CA MET A 235 11.30 9.94 -41.73
C MET A 235 9.84 9.54 -41.92
N LYS A 236 9.56 8.25 -41.76
CA LYS A 236 8.22 7.68 -42.00
C LYS A 236 7.51 7.24 -40.73
N LEU A 237 6.17 7.19 -40.81
CA LEU A 237 5.34 6.72 -39.69
C LEU A 237 4.78 5.32 -39.94
N VAL A 238 4.70 4.52 -38.87
CA VAL A 238 4.13 3.17 -38.94
C VAL A 238 3.23 2.96 -37.73
N VAL A 239 2.23 2.09 -37.88
CA VAL A 239 1.41 1.69 -36.76
C VAL A 239 1.54 0.18 -36.60
N GLN A 240 1.97 -0.25 -35.41
CA GLN A 240 1.97 -1.64 -35.05
C GLN A 240 0.74 -1.90 -34.18
N ALA A 241 0.03 -2.97 -34.48
CA ALA A 241 -1.12 -3.34 -33.71
C ALA A 241 -1.06 -4.84 -33.41
N GLY A 242 -1.33 -5.19 -32.16
CA GLY A 242 -1.43 -6.58 -31.74
C GLY A 242 -2.66 -6.73 -30.87
N LEU A 243 -3.16 -7.96 -30.79
CA LEU A 243 -4.27 -8.29 -29.90
C LEU A 243 -3.67 -9.07 -28.77
N PHE A 244 -4.05 -8.70 -27.56
CA PHE A 244 -3.49 -9.29 -26.36
C PHE A 244 -4.60 -9.72 -25.43
N HIS A 245 -4.30 -10.77 -24.68
CA HIS A 245 -5.07 -11.20 -23.53
C HIS A 245 -4.02 -11.20 -22.40
N GLY A 246 -3.90 -10.07 -21.70
CA GLY A 246 -2.86 -9.87 -20.69
C GLY A 246 -1.52 -9.71 -21.38
N ASN A 247 -0.52 -10.46 -20.90
CA ASN A 247 0.82 -10.47 -21.50
C ASN A 247 0.87 -11.19 -22.85
N GLU A 248 0.12 -12.28 -22.98
CA GLU A 248 0.14 -13.11 -24.18
C GLU A 248 -0.60 -12.52 -25.38
N MET A 249 0.12 -12.41 -26.49
CA MET A 249 -0.49 -12.15 -27.80
C MET A 249 -1.46 -13.28 -28.19
N LEU A 250 -2.56 -12.92 -28.84
CA LEU A 250 -3.55 -13.90 -29.31
C LEU A 250 -3.28 -14.38 -30.74
N CYS A 251 -2.45 -13.62 -31.44
CA CYS A 251 -1.93 -13.99 -32.75
C CYS A 251 -0.81 -12.97 -32.99
N LYS A 252 0.00 -13.18 -34.02
CA LYS A 252 1.12 -12.28 -34.30
C LYS A 252 0.68 -10.82 -34.44
N THR A 253 1.61 -9.91 -34.20
CA THR A 253 1.33 -8.49 -34.41
C THR A 253 1.26 -8.22 -35.90
N VAL A 254 0.61 -7.11 -36.27
CA VAL A 254 0.51 -6.69 -37.66
C VAL A 254 0.90 -5.21 -37.83
N SER A 255 1.55 -4.89 -38.95
CA SER A 255 2.07 -3.55 -39.17
C SER A 255 1.34 -2.74 -40.24
N SER A 256 1.50 -1.43 -40.14
CA SER A 256 0.98 -0.46 -41.08
C SER A 256 1.89 -0.44 -42.30
N SER A 257 1.48 0.29 -43.34
CA SER A 257 2.38 0.67 -44.41
C SER A 257 3.08 1.95 -43.98
N GLU A 258 4.27 2.20 -44.54
CA GLU A 258 5.05 3.42 -44.28
C GLU A 258 4.55 4.62 -45.07
N VAL A 259 4.25 5.70 -44.34
CA VAL A 259 3.94 7.00 -44.90
C VAL A 259 4.79 8.04 -44.20
N ASN A 260 5.35 8.96 -44.98
CA ASN A 260 6.19 10.03 -44.47
C ASN A 260 5.55 10.82 -43.31
N VAL A 261 6.38 11.36 -42.41
CA VAL A 261 5.97 12.19 -41.26
C VAL A 261 4.81 13.21 -41.51
N CYS A 262 4.47 13.34 -42.78
CA CYS A 262 3.30 14.02 -43.36
C CYS A 262 2.03 14.18 -42.49
N SER A 263 1.68 15.43 -42.22
CA SER A 263 0.47 15.84 -41.46
C SER A 263 0.40 15.24 -40.02
N GLU A 264 -0.74 14.90 -39.40
CA GLU A 264 -2.12 14.70 -39.92
C GLU A 264 -2.28 13.57 -40.98
N PRO A 265 -1.58 12.43 -40.76
CA PRO A 265 -1.46 11.38 -41.78
C PRO A 265 -2.72 10.56 -42.01
N VAL A 266 -2.81 9.96 -43.18
CA VAL A 266 -3.98 9.18 -43.57
C VAL A 266 -3.56 7.78 -44.02
N TRP A 267 -4.36 6.77 -43.68
CA TRP A 267 -4.02 5.38 -44.02
C TRP A 267 -5.12 4.63 -44.78
N LYS A 268 -6.36 4.77 -44.33
CA LYS A 268 -7.50 3.98 -44.80
C LYS A 268 -7.09 2.61 -45.34
N GLN A 269 -6.57 1.75 -44.44
CA GLN A 269 -6.19 0.38 -44.79
C GLN A 269 -6.79 -0.61 -43.82
N ARG A 270 -7.21 -1.76 -44.34
CA ARG A 270 -7.64 -2.85 -43.47
C ARG A 270 -6.40 -3.51 -42.90
N LEU A 271 -6.41 -3.67 -41.59
CA LEU A 271 -5.45 -4.51 -40.90
C LEU A 271 -6.23 -5.74 -40.47
N GLU A 272 -5.86 -6.90 -41.02
CA GLU A 272 -6.53 -8.15 -40.72
C GLU A 272 -5.75 -9.07 -39.77
N PHE A 273 -6.45 -9.60 -38.78
CA PHE A 273 -5.82 -10.41 -37.74
C PHE A 273 -6.00 -11.89 -37.98
N ASP A 274 -4.93 -12.62 -37.63
CA ASP A 274 -4.80 -14.03 -37.90
C ASP A 274 -5.42 -14.77 -36.70
N ILE A 275 -6.69 -14.46 -36.49
CA ILE A 275 -7.58 -15.13 -35.55
C ILE A 275 -9.03 -14.83 -35.98
N SER A 276 -9.94 -15.78 -35.68
CA SER A 276 -11.35 -15.68 -36.03
C SER A 276 -12.13 -14.90 -34.97
N VAL A 277 -13.17 -14.19 -35.41
CA VAL A 277 -13.93 -13.29 -34.53
C VAL A 277 -14.66 -14.01 -33.40
N CYS A 278 -15.07 -15.25 -33.65
CA CYS A 278 -15.75 -16.04 -32.63
C CYS A 278 -14.80 -16.56 -31.54
N ASP A 279 -13.49 -16.38 -31.73
CA ASP A 279 -12.49 -16.88 -30.77
C ASP A 279 -11.91 -15.79 -29.87
N LEU A 280 -12.38 -14.56 -30.02
CA LEU A 280 -11.96 -13.46 -29.16
C LEU A 280 -12.52 -13.63 -27.73
N PRO A 281 -11.66 -13.84 -26.72
CA PRO A 281 -12.21 -13.93 -25.35
C PRO A 281 -12.79 -12.59 -24.84
N ARG A 282 -13.57 -12.67 -23.76
CA ARG A 282 -14.34 -11.53 -23.24
C ARG A 282 -13.46 -10.32 -23.00
N MET A 283 -12.20 -10.58 -22.65
CA MET A 283 -11.29 -9.56 -22.19
C MET A 283 -10.27 -9.21 -23.26
N ALA A 284 -10.63 -9.43 -24.52
CA ALA A 284 -9.77 -9.07 -25.62
C ALA A 284 -9.47 -7.57 -25.66
N ARG A 285 -8.18 -7.27 -25.75
CA ARG A 285 -7.61 -5.95 -25.74
C ARG A 285 -6.83 -5.70 -27.06
N LEU A 286 -7.24 -4.70 -27.84
CA LEU A 286 -6.51 -4.29 -29.05
C LEU A 286 -5.57 -3.11 -28.76
N CYS A 287 -4.27 -3.35 -28.94
CA CYS A 287 -3.20 -2.37 -28.65
C CYS A 287 -2.55 -1.77 -29.88
N PHE A 288 -2.30 -0.47 -29.85
CA PHE A 288 -1.62 0.22 -30.94
C PHE A 288 -0.36 0.92 -30.50
N ALA A 289 0.63 0.92 -31.39
CA ALA A 289 1.80 1.80 -31.26
C ALA A 289 2.08 2.54 -32.55
N LEU A 290 2.35 3.83 -32.40
CA LEU A 290 2.74 4.69 -33.50
C LEU A 290 4.16 5.17 -33.24
N TYR A 291 5.05 4.92 -34.20
CA TYR A 291 6.44 5.32 -34.08
C TYR A 291 6.98 5.82 -35.42
N ALA A 292 8.27 6.16 -35.45
CA ALA A 292 8.91 6.64 -36.66
C ALA A 292 10.18 5.85 -36.95
N VAL A 293 10.51 5.72 -38.22
CA VAL A 293 11.73 5.05 -38.64
C VAL A 293 12.21 5.59 -39.99
N VAL A 294 13.48 5.36 -40.29
CA VAL A 294 14.04 5.58 -41.62
C VAL A 294 13.45 4.57 -42.62
N ASP A 311 14.87 3.31 -34.51
CA ASP A 311 13.47 3.27 -34.06
C ASP A 311 13.15 4.37 -33.07
N CYS A 312 12.02 5.03 -33.27
CA CYS A 312 11.66 6.24 -32.53
C CYS A 312 10.19 6.31 -32.12
N PRO A 313 9.89 5.87 -30.88
CA PRO A 313 8.55 5.78 -30.30
C PRO A 313 7.90 7.14 -30.11
N ILE A 314 6.61 7.20 -30.44
CA ILE A 314 5.88 8.44 -30.33
C ILE A 314 4.71 8.35 -29.35
N ALA A 315 3.89 7.30 -29.49
CA ALA A 315 2.63 7.20 -28.77
C ALA A 315 2.04 5.80 -28.83
N TRP A 316 1.15 5.50 -27.89
CA TRP A 316 0.43 4.22 -27.82
C TRP A 316 -1.01 4.40 -27.34
N ALA A 317 -1.86 3.40 -27.55
CA ALA A 317 -3.25 3.46 -27.14
C ALA A 317 -3.86 2.08 -27.21
N ASN A 318 -4.69 1.74 -26.22
CA ASN A 318 -5.36 0.45 -26.14
C ASN A 318 -6.87 0.58 -25.91
N LEU A 319 -7.64 -0.35 -26.45
CA LEU A 319 -9.06 -0.45 -26.11
C LEU A 319 -9.53 -1.88 -26.02
N MET A 320 -10.58 -2.10 -25.23
CA MET A 320 -11.25 -3.39 -25.16
C MET A 320 -12.14 -3.52 -26.36
N LEU A 321 -12.28 -4.75 -26.87
CA LEU A 321 -13.09 -5.03 -28.06
C LEU A 321 -14.58 -5.18 -27.76
N PHE A 322 -14.89 -5.55 -26.52
CA PHE A 322 -16.26 -5.48 -26.02
C PHE A 322 -16.33 -4.31 -25.04
N ASP A 323 -17.42 -3.56 -25.10
CA ASP A 323 -17.69 -2.49 -24.14
C ASP A 323 -18.05 -3.11 -22.81
N TYR A 324 -18.44 -2.29 -21.84
CA TYR A 324 -18.78 -2.77 -20.51
C TYR A 324 -20.11 -3.51 -20.41
N LYS A 325 -20.94 -3.39 -21.46
CA LYS A 325 -22.22 -4.11 -21.54
C LYS A 325 -22.09 -5.37 -22.38
N ASP A 326 -20.86 -5.85 -22.52
CA ASP A 326 -20.57 -7.12 -23.19
C ASP A 326 -20.80 -7.11 -24.70
N GLN A 327 -21.25 -5.99 -25.23
CA GLN A 327 -21.49 -5.85 -26.66
C GLN A 327 -20.18 -5.61 -27.41
N LEU A 328 -19.96 -6.34 -28.52
CA LEU A 328 -18.81 -6.08 -29.41
C LEU A 328 -18.89 -4.69 -30.00
N LYS A 329 -17.74 -4.03 -30.12
CA LYS A 329 -17.66 -2.62 -30.51
C LYS A 329 -17.66 -2.39 -32.01
N THR A 330 -18.43 -1.37 -32.43
CA THR A 330 -18.43 -0.83 -33.80
C THR A 330 -18.97 0.61 -33.71
N GLY A 331 -18.74 1.47 -34.70
CA GLY A 331 -17.84 1.26 -35.83
C GLY A 331 -16.60 2.13 -35.71
N GLU A 332 -16.75 3.45 -35.92
CA GLU A 332 -15.61 4.39 -35.77
C GLU A 332 -15.23 4.79 -34.32
N ARG A 333 -13.93 4.75 -34.03
CA ARG A 333 -13.41 5.25 -32.77
C ARG A 333 -12.32 6.28 -32.98
N CYS A 334 -12.25 7.22 -32.05
CA CYS A 334 -11.19 8.20 -32.00
C CYS A 334 -10.34 7.91 -30.77
N LEU A 335 -9.05 7.72 -30.97
CA LEU A 335 -8.17 7.22 -29.93
C LEU A 335 -7.12 8.25 -29.55
N TYR A 336 -7.28 8.84 -28.36
CA TYR A 336 -6.35 9.85 -27.89
C TYR A 336 -5.17 9.20 -27.23
N MET A 337 -4.00 9.37 -27.84
CA MET A 337 -2.84 8.54 -27.54
C MET A 337 -1.96 9.13 -26.47
N TRP A 338 -1.29 8.24 -25.76
CA TRP A 338 -0.37 8.58 -24.70
C TRP A 338 1.05 8.60 -25.25
N PRO A 339 1.88 9.57 -24.80
CA PRO A 339 3.22 9.70 -25.38
C PRO A 339 4.17 8.67 -24.79
N SER A 340 5.14 8.20 -25.57
CA SER A 340 5.92 6.99 -25.25
C SER A 340 7.18 7.14 -24.38
N VAL A 341 7.55 6.02 -23.73
CA VAL A 341 8.71 5.82 -22.83
C VAL A 341 9.93 6.72 -23.09
N LEU A 348 7.48 -1.30 -27.69
CA LEU A 348 6.69 -0.37 -28.48
C LEU A 348 5.19 -0.58 -28.24
N LEU A 349 4.76 -1.84 -28.19
CA LEU A 349 3.39 -2.19 -27.78
C LEU A 349 3.24 -2.28 -26.25
N ASN A 350 2.14 -1.77 -25.71
CA ASN A 350 1.98 -1.62 -24.25
C ASN A 350 0.71 -2.30 -23.71
N PRO A 351 0.62 -3.64 -23.80
CA PRO A 351 -0.64 -4.31 -23.41
C PRO A 351 -1.12 -3.93 -22.01
N ALA A 352 -0.20 -3.72 -21.09
CA ALA A 352 -0.55 -3.40 -19.71
C ALA A 352 -1.05 -1.97 -19.48
N GLY A 353 -0.86 -1.07 -20.44
CA GLY A 353 -1.33 0.31 -20.29
C GLY A 353 -2.86 0.40 -20.23
N THR A 354 -3.38 1.49 -19.67
CA THR A 354 -4.83 1.72 -19.55
C THR A 354 -5.61 1.61 -20.87
N VAL A 355 -6.88 1.24 -20.76
CA VAL A 355 -7.77 1.19 -21.92
C VAL A 355 -8.70 2.37 -22.03
N ARG A 356 -8.32 3.50 -21.42
CA ARG A 356 -9.05 4.72 -21.69
C ARG A 356 -8.07 5.70 -22.30
N GLY A 357 -8.58 6.50 -23.24
CA GLY A 357 -7.77 7.45 -23.99
C GLY A 357 -7.24 8.59 -23.16
N ASN A 358 -6.26 9.31 -23.72
CA ASN A 358 -5.69 10.51 -23.11
C ASN A 358 -6.76 11.60 -22.95
N PRO A 359 -6.90 12.17 -21.74
CA PRO A 359 -7.79 13.31 -21.42
C PRO A 359 -7.33 14.65 -21.96
N ASN A 360 -6.03 14.80 -22.18
CA ASN A 360 -5.52 16.02 -22.80
C ASN A 360 -5.77 15.94 -24.30
N THR A 361 -7.03 16.01 -24.67
CA THR A 361 -7.44 15.91 -26.07
C THR A 361 -7.01 17.14 -26.90
N GLU A 362 -6.73 18.26 -26.25
CA GLU A 362 -6.17 19.44 -26.90
C GLU A 362 -4.86 19.14 -27.66
N SER A 363 -3.98 18.40 -26.99
CA SER A 363 -2.62 18.20 -27.49
C SER A 363 -2.33 16.75 -27.91
N ALA A 364 -3.08 15.79 -27.35
CA ALA A 364 -2.85 14.39 -27.68
C ALA A 364 -2.99 14.09 -29.17
N ALA A 365 -2.03 13.31 -29.65
CA ALA A 365 -2.12 12.61 -30.91
C ALA A 365 -3.37 11.74 -30.89
N ALA A 366 -4.18 11.82 -31.95
CA ALA A 366 -5.40 11.06 -32.05
C ALA A 366 -5.34 10.01 -33.15
N LEU A 367 -6.11 8.94 -32.97
CA LEU A 367 -6.17 7.91 -33.98
C LEU A 367 -7.62 7.58 -34.24
N VAL A 368 -8.02 7.62 -35.50
CA VAL A 368 -9.32 7.12 -35.85
C VAL A 368 -9.21 5.75 -36.53
N ILE A 369 -9.95 4.80 -35.98
CA ILE A 369 -10.03 3.49 -36.56
C ILE A 369 -11.50 3.20 -36.81
N TYR A 370 -11.80 2.12 -37.53
CA TYR A 370 -13.17 1.67 -37.70
C TYR A 370 -13.33 0.17 -37.41
N LEU A 371 -13.98 -0.14 -36.29
CA LEU A 371 -14.47 -1.49 -36.04
C LEU A 371 -15.66 -1.77 -36.97
N PRO A 372 -15.57 -2.85 -37.77
CA PRO A 372 -16.63 -3.13 -38.74
C PRO A 372 -17.85 -3.81 -38.11
N GLU A 373 -19.02 -3.41 -38.58
CA GLU A 373 -20.30 -3.97 -38.14
C GLU A 373 -20.45 -5.41 -38.62
N VAL A 374 -20.14 -6.36 -37.73
CA VAL A 374 -20.24 -7.78 -38.06
C VAL A 374 -21.71 -8.30 -38.18
N ALA A 375 -22.65 -7.39 -38.48
CA ALA A 375 -24.07 -7.72 -38.57
C ALA A 375 -24.61 -7.44 -39.94
N PRO A 378 -26.30 -6.84 -33.87
CA PRO A 378 -25.72 -6.45 -32.58
C PRO A 378 -25.37 -7.71 -31.80
N VAL A 379 -24.11 -7.85 -31.42
CA VAL A 379 -23.63 -9.11 -30.83
C VAL A 379 -23.06 -8.97 -29.41
N TYR A 380 -23.29 -10.02 -28.63
CA TYR A 380 -22.93 -10.03 -27.22
C TYR A 380 -22.09 -11.25 -26.85
N PHE A 381 -21.25 -11.09 -25.83
CA PHE A 381 -20.52 -12.24 -25.34
C PHE A 381 -21.49 -13.21 -24.67
N PRO A 382 -21.46 -14.49 -25.08
CA PRO A 382 -22.44 -15.49 -24.62
C PRO A 382 -22.45 -15.61 -23.09
N ALA A 383 -23.64 -15.72 -22.52
CA ALA A 383 -23.80 -15.82 -21.07
C ALA A 383 -23.16 -17.10 -20.54
N LEU A 384 -22.85 -17.09 -19.25
CA LEU A 384 -22.27 -18.23 -18.55
C LEU A 384 -23.01 -19.54 -18.82
N GLU A 385 -24.35 -19.50 -18.80
CA GLU A 385 -25.15 -20.70 -19.06
C GLU A 385 -24.77 -21.32 -20.41
N LYS A 386 -24.61 -20.46 -21.42
CA LYS A 386 -24.17 -20.91 -22.74
C LYS A 386 -22.71 -21.33 -22.72
N ILE A 387 -21.88 -20.65 -21.91
CA ILE A 387 -20.48 -21.08 -21.74
C ILE A 387 -20.42 -22.50 -21.12
N LEU A 388 -21.12 -22.71 -20.01
CA LEU A 388 -21.13 -23.98 -19.27
C LEU A 388 -21.62 -25.11 -20.14
N GLU A 389 -22.66 -24.80 -20.93
CA GLU A 389 -23.23 -25.72 -21.90
C GLU A 389 -22.12 -26.27 -22.81
N LEU A 390 -21.27 -25.38 -23.32
CA LEU A 390 -20.27 -25.78 -24.33
C LEU A 390 -19.13 -26.63 -23.75
N LEU A 407 4.70 -38.16 -14.44
CA LEU A 407 5.60 -37.01 -14.42
C LEU A 407 4.82 -35.70 -14.35
N ARG A 408 3.54 -35.79 -14.06
CA ARG A 408 2.66 -34.65 -13.90
C ARG A 408 3.06 -33.83 -12.68
N GLU A 409 3.12 -34.52 -11.55
CA GLU A 409 3.51 -33.90 -10.29
C GLU A 409 4.95 -33.41 -10.36
N ILE A 410 5.78 -34.10 -11.15
CA ILE A 410 7.24 -33.85 -11.28
C ILE A 410 7.59 -32.41 -11.70
N LEU A 411 6.82 -31.87 -12.64
CA LEU A 411 7.05 -30.52 -13.12
C LEU A 411 6.23 -29.54 -12.28
N GLU A 412 5.13 -30.05 -11.71
CA GLU A 412 4.15 -29.24 -11.01
C GLU A 412 4.61 -28.77 -9.62
N ARG A 413 5.76 -28.08 -9.58
CA ARG A 413 6.24 -27.43 -8.37
C ARG A 413 7.33 -26.39 -8.65
N GLU A 418 7.70 -22.06 -15.64
CA GLU A 418 8.17 -22.13 -17.04
C GLU A 418 8.29 -23.58 -17.52
N LEU A 419 7.37 -23.99 -18.39
CA LEU A 419 7.26 -25.40 -18.82
C LEU A 419 7.26 -25.56 -20.33
N TYR A 420 7.74 -26.70 -20.81
CA TYR A 420 7.83 -26.98 -22.25
C TYR A 420 6.47 -27.30 -22.86
N GLU A 421 6.46 -27.41 -24.19
CA GLU A 421 5.21 -27.57 -24.92
C GLU A 421 4.50 -28.86 -24.51
N HIS A 422 5.13 -30.02 -24.70
CA HIS A 422 4.51 -31.28 -24.29
C HIS A 422 4.08 -31.24 -22.81
N GLU A 423 4.86 -30.57 -21.97
CA GLU A 423 4.48 -30.43 -20.57
C GLU A 423 3.13 -29.72 -20.49
N LYS A 424 3.03 -28.57 -21.16
CA LYS A 424 1.76 -27.85 -21.30
C LYS A 424 0.65 -28.81 -21.68
N ASP A 425 0.93 -29.66 -22.67
CA ASP A 425 -0.06 -30.58 -23.24
C ASP A 425 -0.61 -31.56 -22.21
N LEU A 426 0.25 -32.06 -21.32
CA LEU A 426 -0.17 -33.02 -20.30
C LEU A 426 -1.13 -32.32 -19.32
N VAL A 427 -0.73 -31.12 -18.92
CA VAL A 427 -1.50 -30.32 -17.97
C VAL A 427 -2.91 -30.07 -18.48
N TRP A 428 -3.01 -29.56 -19.71
CA TRP A 428 -4.33 -29.36 -20.31
C TRP A 428 -5.11 -30.68 -20.38
N LYS A 429 -4.44 -31.74 -20.83
CA LYS A 429 -5.04 -33.07 -20.97
C LYS A 429 -5.62 -33.56 -19.65
N MET A 430 -4.97 -33.19 -18.56
CA MET A 430 -5.29 -33.69 -17.24
C MET A 430 -5.91 -32.63 -16.35
N ARG A 431 -6.57 -31.65 -16.96
CA ARG A 431 -7.18 -30.54 -16.22
C ARG A 431 -8.20 -30.98 -15.15
N HIS A 432 -8.99 -32.04 -15.43
CA HIS A 432 -9.95 -32.54 -14.45
C HIS A 432 -9.21 -33.04 -13.22
N GLU A 433 -8.10 -33.74 -13.45
CA GLU A 433 -7.33 -34.30 -12.36
C GLU A 433 -6.65 -33.19 -11.54
N VAL A 434 -6.40 -32.07 -12.20
CA VAL A 434 -5.85 -30.86 -11.58
C VAL A 434 -6.91 -30.25 -10.67
N GLN A 435 -8.12 -30.08 -11.20
CA GLN A 435 -9.25 -29.60 -10.41
C GLN A 435 -9.54 -30.49 -9.22
N GLU A 436 -9.41 -31.81 -9.41
CA GLU A 436 -9.68 -32.77 -8.35
C GLU A 436 -8.55 -32.95 -7.33
N HIS A 437 -7.32 -33.09 -7.82
CA HIS A 437 -6.23 -33.52 -6.95
C HIS A 437 -5.19 -32.43 -6.70
N PHE A 438 -5.24 -31.35 -7.49
CA PHE A 438 -4.27 -30.26 -7.33
C PHE A 438 -4.89 -28.88 -7.50
N PRO A 439 -6.04 -28.63 -6.84
CA PRO A 439 -6.73 -27.35 -6.97
C PRO A 439 -5.81 -26.13 -6.84
N GLU A 440 -4.68 -26.27 -6.16
CA GLU A 440 -3.83 -25.10 -5.91
C GLU A 440 -2.96 -24.78 -7.11
N ALA A 441 -3.01 -25.62 -8.14
CA ALA A 441 -2.26 -25.37 -9.36
C ALA A 441 -3.09 -24.71 -10.45
N LEU A 442 -4.25 -24.16 -10.05
CA LEU A 442 -5.16 -23.48 -10.97
C LEU A 442 -4.44 -22.54 -11.92
N ALA A 443 -3.54 -21.75 -11.37
CA ALA A 443 -2.84 -20.71 -12.14
C ALA A 443 -1.99 -21.29 -13.26
N ARG A 444 -1.28 -22.36 -12.98
CA ARG A 444 -0.38 -22.97 -13.93
C ARG A 444 -1.19 -23.54 -15.10
N LEU A 445 -2.39 -24.01 -14.77
CA LEU A 445 -3.32 -24.56 -15.73
C LEU A 445 -3.88 -23.44 -16.58
N LEU A 446 -4.23 -22.34 -15.92
CA LEU A 446 -4.74 -21.14 -16.60
C LEU A 446 -3.77 -20.58 -17.64
N LEU A 447 -2.49 -20.61 -17.29
CA LEU A 447 -1.40 -20.15 -18.15
C LEU A 447 -1.18 -21.05 -19.36
N VAL A 448 -1.55 -22.34 -19.25
CA VAL A 448 -1.46 -23.20 -20.42
C VAL A 448 -2.70 -23.26 -21.34
N THR A 449 -3.87 -22.82 -20.85
CA THR A 449 -5.06 -22.79 -21.74
C THR A 449 -4.94 -21.79 -22.88
N LYS A 450 -5.40 -22.22 -24.05
CA LYS A 450 -5.33 -21.43 -25.26
C LYS A 450 -6.47 -20.39 -25.27
N TRP A 451 -6.14 -19.18 -24.87
CA TRP A 451 -7.14 -18.15 -24.73
C TRP A 451 -7.65 -17.64 -26.06
N ASN A 452 -7.03 -18.09 -27.17
CA ASN A 452 -7.45 -17.69 -28.51
C ASN A 452 -8.26 -18.76 -29.22
N LYS A 453 -8.80 -19.69 -28.44
CA LYS A 453 -9.70 -20.72 -28.96
C LYS A 453 -10.87 -20.81 -28.00
N HIS A 454 -12.05 -20.46 -28.47
CA HIS A 454 -13.21 -20.31 -27.60
C HIS A 454 -13.70 -21.63 -27.00
N GLU A 455 -13.62 -22.72 -27.77
CA GLU A 455 -13.94 -24.05 -27.26
C GLU A 455 -13.11 -24.36 -26.01
N ASP A 456 -11.83 -24.01 -26.06
CA ASP A 456 -10.91 -24.26 -24.95
C ASP A 456 -11.20 -23.38 -23.74
N VAL A 457 -11.43 -22.09 -23.98
CA VAL A 457 -11.78 -21.16 -22.89
C VAL A 457 -13.09 -21.62 -22.23
N ALA A 458 -14.07 -22.04 -23.03
CA ALA A 458 -15.28 -22.66 -22.51
C ALA A 458 -14.96 -23.79 -21.52
N GLN A 459 -14.11 -24.72 -21.93
CA GLN A 459 -13.76 -25.88 -21.11
C GLN A 459 -13.01 -25.49 -19.85
N MET A 460 -12.08 -24.54 -19.97
CA MET A 460 -11.33 -24.08 -18.80
C MET A 460 -12.28 -23.44 -17.81
N LEU A 461 -13.16 -22.59 -18.33
CA LEU A 461 -14.20 -21.95 -17.55
C LEU A 461 -15.13 -22.98 -16.90
N TYR A 462 -15.58 -24.00 -17.64
CA TYR A 462 -16.36 -25.10 -17.04
C TYR A 462 -15.73 -25.61 -15.73
N LEU A 463 -14.42 -25.86 -15.74
CA LEU A 463 -13.72 -26.26 -14.51
C LEU A 463 -13.69 -25.17 -13.46
N LEU A 464 -13.51 -23.91 -13.88
CA LEU A 464 -13.42 -22.81 -12.92
C LEU A 464 -14.66 -22.67 -12.05
N CYS A 465 -15.82 -22.92 -12.65
CA CYS A 465 -17.12 -22.78 -11.99
C CYS A 465 -17.37 -23.73 -10.83
N SER A 466 -16.73 -24.89 -10.85
CA SER A 466 -16.79 -25.77 -9.69
C SER A 466 -15.45 -25.86 -8.94
N TRP A 467 -14.51 -24.96 -9.24
CA TRP A 467 -13.20 -25.01 -8.60
C TRP A 467 -13.36 -24.68 -7.13
N PRO A 468 -12.68 -25.43 -6.24
CA PRO A 468 -12.82 -25.05 -4.82
C PRO A 468 -12.04 -23.78 -4.52
N GLU A 469 -12.51 -23.03 -3.54
CA GLU A 469 -11.83 -21.82 -3.11
C GLU A 469 -10.37 -22.09 -2.72
N LEU A 470 -9.53 -21.09 -2.92
CA LEU A 470 -8.10 -21.23 -2.75
C LEU A 470 -7.61 -20.31 -1.65
N PRO A 471 -6.46 -20.63 -1.03
CA PRO A 471 -5.93 -19.74 0.02
C PRO A 471 -5.61 -18.36 -0.51
N VAL A 472 -5.61 -17.42 0.41
CA VAL A 472 -5.27 -16.05 0.15
C VAL A 472 -4.02 -15.92 -0.75
N LEU A 473 -2.96 -16.66 -0.41
CA LEU A 473 -1.71 -16.65 -1.15
C LEU A 473 -1.93 -16.91 -2.65
N SER A 474 -2.65 -18.00 -2.94
CA SER A 474 -3.01 -18.33 -4.30
C SER A 474 -3.88 -17.24 -4.94
N ALA A 475 -4.89 -16.77 -4.22
CA ALA A 475 -5.74 -15.68 -4.74
C ALA A 475 -4.96 -14.44 -5.12
N LEU A 476 -3.93 -14.10 -4.36
CA LEU A 476 -3.16 -12.89 -4.66
C LEU A 476 -2.44 -13.01 -6.00
N GLU A 477 -2.00 -14.23 -6.31
CA GLU A 477 -1.34 -14.51 -7.60
C GLU A 477 -2.28 -14.26 -8.78
N LEU A 478 -3.52 -14.74 -8.65
CA LEU A 478 -4.54 -14.63 -9.68
C LEU A 478 -4.91 -13.19 -10.03
N LEU A 479 -4.58 -12.25 -9.14
CA LEU A 479 -4.88 -10.83 -9.39
C LEU A 479 -3.90 -10.21 -10.33
N ASP A 480 -2.79 -10.89 -10.56
CA ASP A 480 -1.78 -10.42 -11.48
C ASP A 480 -2.35 -10.22 -12.90
N PHE A 481 -1.71 -9.35 -13.67
CA PHE A 481 -2.15 -9.03 -15.05
C PHE A 481 -2.16 -10.26 -15.98
N SER A 482 -1.39 -11.29 -15.60
CA SER A 482 -1.38 -12.60 -16.29
C SER A 482 -2.75 -13.28 -16.34
N PHE A 483 -3.72 -12.77 -15.58
CA PHE A 483 -5.04 -13.39 -15.56
C PHE A 483 -6.10 -12.35 -15.77
N PRO A 484 -6.25 -11.89 -17.02
CA PRO A 484 -7.18 -10.80 -17.23
C PRO A 484 -8.65 -11.25 -17.26
N ASP A 485 -8.91 -12.53 -17.51
CA ASP A 485 -10.29 -13.01 -17.62
C ASP A 485 -11.10 -12.64 -16.40
N CYS A 486 -12.34 -12.21 -16.64
CA CYS A 486 -13.15 -11.66 -15.54
C CYS A 486 -13.73 -12.74 -14.61
N TYR A 487 -13.92 -13.94 -15.14
CA TYR A 487 -14.36 -15.06 -14.29
C TYR A 487 -13.24 -15.49 -13.37
N VAL A 488 -12.02 -15.44 -13.86
CA VAL A 488 -10.85 -15.69 -13.01
C VAL A 488 -10.74 -14.63 -11.94
N GLY A 489 -10.89 -13.36 -12.33
CA GLY A 489 -10.72 -12.22 -11.39
C GLY A 489 -11.79 -12.29 -10.32
N SER A 490 -13.01 -12.62 -10.77
CA SER A 490 -14.14 -12.83 -9.89
C SER A 490 -13.92 -13.98 -8.90
N PHE A 491 -13.36 -15.09 -9.40
CA PHE A 491 -12.99 -16.20 -8.54
C PHE A 491 -11.90 -15.77 -7.52
N ALA A 492 -10.95 -14.97 -8.00
CA ALA A 492 -9.87 -14.47 -7.15
C ALA A 492 -10.44 -13.68 -5.97
N ILE A 493 -11.33 -12.75 -6.26
CA ILE A 493 -11.94 -11.91 -5.22
C ILE A 493 -12.73 -12.79 -4.25
N LYS A 494 -13.47 -13.73 -4.81
CA LYS A 494 -14.24 -14.70 -4.04
C LYS A 494 -13.33 -15.45 -3.11
N SER A 495 -12.15 -15.84 -3.58
CA SER A 495 -11.16 -16.48 -2.71
C SER A 495 -10.49 -15.52 -1.71
N LEU A 496 -10.66 -14.23 -1.92
CA LEU A 496 -10.05 -13.21 -1.04
C LEU A 496 -11.01 -12.69 -0.01
N ARG A 497 -12.29 -12.97 -0.17
CA ARG A 497 -13.26 -12.46 0.80
C ARG A 497 -12.91 -12.93 2.21
N LYS A 498 -12.16 -14.00 2.32
CA LYS A 498 -11.80 -14.49 3.64
C LYS A 498 -10.59 -13.73 4.24
N LEU A 499 -10.14 -12.67 3.60
CA LEU A 499 -9.13 -11.83 4.26
C LEU A 499 -9.70 -11.24 5.54
N THR A 500 -8.89 -11.27 6.58
CA THR A 500 -9.18 -10.54 7.80
C THR A 500 -8.93 -9.06 7.46
N ASP A 501 -9.42 -8.15 8.30
CA ASP A 501 -9.18 -6.74 8.09
C ASP A 501 -7.69 -6.40 8.27
N ASP A 502 -7.03 -7.05 9.22
CA ASP A 502 -5.58 -6.84 9.41
C ASP A 502 -4.81 -7.28 8.15
N GLU A 503 -5.19 -8.40 7.57
CA GLU A 503 -4.54 -8.87 6.34
C GLU A 503 -4.85 -7.96 5.18
N LEU A 504 -6.10 -7.55 5.10
CA LEU A 504 -6.53 -6.70 4.02
C LEU A 504 -5.76 -5.40 4.13
N PHE A 505 -5.67 -4.87 5.35
CA PHE A 505 -4.86 -3.68 5.57
C PHE A 505 -3.42 -3.83 5.08
N GLN A 506 -2.85 -5.01 5.33
CA GLN A 506 -1.43 -5.29 5.03
C GLN A 506 -1.20 -5.31 3.49
N TYR A 507 -2.23 -5.70 2.75
CA TYR A 507 -2.12 -5.79 1.29
C TYR A 507 -2.87 -4.67 0.59
N LEU A 508 -3.40 -3.72 1.33
CA LEU A 508 -4.24 -2.65 0.71
C LEU A 508 -3.54 -1.91 -0.44
N LEU A 509 -2.28 -1.56 -0.22
CA LEU A 509 -1.47 -0.85 -1.18
C LEU A 509 -1.52 -1.59 -2.51
N GLN A 510 -1.33 -2.90 -2.50
CA GLN A 510 -1.21 -3.65 -3.75
C GLN A 510 -2.56 -3.82 -4.45
N LEU A 511 -3.63 -4.02 -3.66
CA LEU A 511 -4.97 -4.12 -4.23
C LEU A 511 -5.36 -2.83 -4.95
N VAL A 512 -4.98 -1.68 -4.41
CA VAL A 512 -5.25 -0.43 -5.06
C VAL A 512 -4.51 -0.33 -6.40
N GLN A 513 -3.22 -0.63 -6.41
CA GLN A 513 -2.43 -0.58 -7.64
C GLN A 513 -3.01 -1.47 -8.73
N VAL A 514 -3.52 -2.64 -8.36
CA VAL A 514 -4.20 -3.59 -9.28
C VAL A 514 -5.39 -3.01 -9.99
N LEU A 515 -6.04 -2.00 -9.39
CA LEU A 515 -7.10 -1.28 -10.04
C LEU A 515 -6.68 -0.75 -11.42
N LYS A 516 -5.39 -0.41 -11.56
CA LYS A 516 -4.84 0.13 -12.80
C LYS A 516 -4.85 -0.91 -13.93
N TYR A 517 -4.97 -2.18 -13.56
CA TYR A 517 -5.08 -3.27 -14.53
C TYR A 517 -6.51 -3.46 -15.07
N GLU A 518 -7.51 -2.93 -14.37
CA GLU A 518 -8.93 -3.20 -14.66
C GLU A 518 -9.32 -2.64 -16.02
N SER A 519 -10.23 -3.34 -16.69
CA SER A 519 -10.59 -2.91 -18.02
C SER A 519 -11.80 -1.98 -18.04
N TYR A 520 -12.65 -2.08 -17.01
CA TYR A 520 -13.88 -1.28 -16.94
C TYR A 520 -14.04 -0.60 -15.58
N LEU A 521 -14.99 0.33 -15.49
CA LEU A 521 -15.16 1.08 -14.27
C LEU A 521 -15.83 0.29 -13.14
N ASP A 522 -16.84 -0.51 -13.49
CA ASP A 522 -17.58 -1.30 -12.53
C ASP A 522 -16.94 -2.69 -12.50
N CYS A 523 -16.38 -3.10 -11.36
CA CYS A 523 -15.62 -4.34 -11.28
C CYS A 523 -15.61 -4.91 -9.86
N GLU A 524 -15.33 -6.21 -9.75
CA GLU A 524 -15.42 -6.88 -8.47
C GLU A 524 -14.44 -6.33 -7.42
N LEU A 525 -13.22 -6.04 -7.83
CA LEU A 525 -12.24 -5.45 -6.93
C LEU A 525 -12.73 -4.12 -6.29
N THR A 526 -13.38 -3.29 -7.08
CA THR A 526 -13.83 -1.97 -6.62
C THR A 526 -14.91 -2.08 -5.56
N LYS A 527 -15.91 -2.91 -5.85
CA LYS A 527 -17.02 -3.12 -4.93
C LYS A 527 -16.52 -3.83 -3.68
N PHE A 528 -15.62 -4.78 -3.88
CA PHE A 528 -14.96 -5.41 -2.77
C PHE A 528 -14.23 -4.38 -1.90
N LEU A 529 -13.32 -3.61 -2.49
CA LEU A 529 -12.58 -2.59 -1.73
C LEU A 529 -13.51 -1.60 -1.01
N LEU A 530 -14.54 -1.13 -1.69
CA LEU A 530 -15.47 -0.14 -1.17
C LEU A 530 -16.34 -0.69 -0.01
N GLY A 531 -16.88 -1.89 -0.19
CA GLY A 531 -17.63 -2.55 0.88
C GLY A 531 -16.82 -2.85 2.13
N ARG A 532 -15.56 -3.22 1.96
CA ARG A 532 -14.67 -3.49 3.10
C ARG A 532 -14.24 -2.17 3.75
N ALA A 533 -14.06 -1.16 2.90
CA ALA A 533 -13.82 0.20 3.34
C ALA A 533 -15.00 0.80 4.08
N LEU A 534 -16.21 0.43 3.68
CA LEU A 534 -17.37 0.98 4.36
C LEU A 534 -17.66 0.23 5.65
N ALA A 535 -17.16 -0.99 5.77
CA ALA A 535 -17.25 -1.78 7.02
C ALA A 535 -16.08 -1.56 8.01
N ASN A 536 -14.98 -0.93 7.58
CA ASN A 536 -13.86 -0.62 8.47
C ASN A 536 -13.33 0.76 8.17
N ARG A 537 -13.51 1.68 9.12
CA ARG A 537 -13.14 3.09 8.93
C ARG A 537 -11.63 3.32 8.71
N LYS A 538 -10.80 2.47 9.32
CA LYS A 538 -9.36 2.52 9.13
C LYS A 538 -9.00 2.09 7.68
N ILE A 539 -9.62 1.00 7.20
CA ILE A 539 -9.52 0.59 5.78
C ILE A 539 -9.95 1.74 4.89
N GLY A 540 -11.08 2.34 5.23
CA GLY A 540 -11.67 3.48 4.50
C GLY A 540 -10.68 4.64 4.44
N HIS A 541 -10.07 4.97 5.57
CA HIS A 541 -9.12 6.07 5.64
C HIS A 541 -7.95 5.88 4.64
N PHE A 542 -7.29 4.73 4.68
CA PHE A 542 -6.14 4.46 3.82
C PHE A 542 -6.53 4.26 2.36
N LEU A 543 -7.71 3.66 2.11
CA LEU A 543 -8.16 3.59 0.73
C LEU A 543 -8.30 5.01 0.17
N PHE A 544 -8.92 5.89 0.95
CA PHE A 544 -9.15 7.24 0.48
C PHE A 544 -7.81 7.87 0.07
N TRP A 545 -6.85 7.84 0.99
CA TRP A 545 -5.53 8.46 0.72
C TRP A 545 -4.73 7.79 -0.41
N HIS A 546 -4.80 6.46 -0.51
CA HIS A 546 -4.12 5.83 -1.64
C HIS A 546 -4.67 6.36 -2.93
N LEU A 547 -6.00 6.49 -2.98
CA LEU A 547 -6.67 7.00 -4.16
C LEU A 547 -6.41 8.52 -4.33
N ARG A 548 -6.60 9.31 -3.28
CA ARG A 548 -6.41 10.77 -3.38
C ARG A 548 -5.00 11.17 -3.82
N SER A 549 -4.00 10.40 -3.36
CA SER A 549 -2.59 10.74 -3.60
C SER A 549 -2.17 10.56 -5.07
N GLU A 550 -3.07 9.98 -5.86
CA GLU A 550 -2.83 9.80 -7.28
C GLU A 550 -3.71 10.66 -8.23
N MET A 551 -4.43 11.67 -7.71
CA MET A 551 -5.37 12.43 -8.57
C MET A 551 -4.69 13.29 -9.64
N HIS A 552 -3.38 13.49 -9.52
CA HIS A 552 -2.60 14.29 -10.44
C HIS A 552 -2.12 13.44 -11.60
N VAL A 553 -2.46 12.17 -11.58
CA VAL A 553 -2.05 11.23 -12.64
C VAL A 553 -3.21 10.95 -13.62
N PRO A 554 -3.15 11.52 -14.83
CA PRO A 554 -4.32 11.47 -15.74
C PRO A 554 -4.88 10.09 -16.07
N SER A 555 -4.00 9.08 -16.12
CA SER A 555 -4.44 7.75 -16.47
C SER A 555 -5.35 7.13 -15.41
N VAL A 556 -5.38 7.70 -14.22
CA VAL A 556 -6.20 7.15 -13.14
C VAL A 556 -7.10 8.14 -12.43
N ALA A 557 -7.06 9.41 -12.86
CA ALA A 557 -7.87 10.46 -12.24
C ALA A 557 -9.34 10.11 -12.21
N LEU A 558 -9.89 9.77 -13.37
CA LEU A 558 -11.32 9.48 -13.46
C LEU A 558 -11.74 8.30 -12.54
N ARG A 559 -11.22 7.11 -12.82
CA ARG A 559 -11.44 5.96 -11.96
C ARG A 559 -11.33 6.28 -10.45
N PHE A 560 -10.18 6.76 -10.01
CA PHE A 560 -9.96 7.06 -8.58
C PHE A 560 -10.92 8.12 -8.03
N GLY A 561 -11.21 9.14 -8.86
CA GLY A 561 -12.18 10.16 -8.48
C GLY A 561 -13.54 9.56 -8.23
N LEU A 562 -13.98 8.72 -9.16
CA LEU A 562 -15.29 8.06 -9.08
C LEU A 562 -15.47 7.20 -7.82
N ILE A 563 -14.43 6.46 -7.45
CA ILE A 563 -14.42 5.64 -6.26
C ILE A 563 -14.49 6.49 -4.97
N MET A 564 -13.71 7.57 -4.88
CA MET A 564 -13.74 8.39 -3.69
C MET A 564 -15.12 9.04 -3.50
N GLU A 565 -15.75 9.48 -4.60
CA GLU A 565 -17.08 10.04 -4.51
C GLU A 565 -18.04 9.01 -3.94
N ALA A 566 -18.08 7.83 -4.56
CA ALA A 566 -18.96 6.75 -4.09
C ALA A 566 -18.76 6.48 -2.61
N TYR A 567 -17.51 6.44 -2.16
CA TYR A 567 -17.22 6.24 -0.74
C TYR A 567 -17.78 7.35 0.10
N CYS A 568 -17.54 8.59 -0.33
CA CYS A 568 -18.09 9.74 0.37
C CYS A 568 -19.60 9.59 0.57
N ARG A 569 -20.30 9.09 -0.45
CA ARG A 569 -21.74 8.90 -0.37
C ARG A 569 -22.05 7.93 0.75
N GLY A 570 -21.21 6.90 0.86
CA GLY A 570 -21.33 5.94 1.94
C GLY A 570 -20.92 6.41 3.33
N SER A 571 -20.35 7.61 3.45
CA SER A 571 -19.97 8.17 4.79
C SER A 571 -19.70 9.66 4.78
N THR A 572 -20.77 10.39 5.02
CA THR A 572 -20.80 11.84 5.13
C THR A 572 -19.93 12.39 6.23
N HIS A 573 -19.96 11.78 7.41
CA HIS A 573 -19.17 12.24 8.55
C HIS A 573 -17.65 12.08 8.26
N HIS A 574 -17.27 10.93 7.73
CA HIS A 574 -15.85 10.71 7.51
C HIS A 574 -15.33 11.64 6.41
N MET A 575 -16.21 11.97 5.45
CA MET A 575 -15.91 12.96 4.45
C MET A 575 -15.48 14.25 5.10
N LYS A 576 -16.21 14.66 6.13
CA LYS A 576 -15.89 15.90 6.85
C LYS A 576 -14.59 15.79 7.63
N VAL A 577 -14.26 14.58 8.08
CA VAL A 577 -13.05 14.35 8.86
C VAL A 577 -11.87 14.41 7.95
N LEU A 578 -12.06 13.87 6.75
CA LEU A 578 -11.02 13.87 5.71
C LEU A 578 -10.72 15.27 5.16
N MET A 579 -11.76 16.12 5.02
CA MET A 579 -11.55 17.51 4.54
C MET A 579 -10.72 18.28 5.50
N LYS A 580 -11.06 18.14 6.77
CA LYS A 580 -10.28 18.73 7.83
C LYS A 580 -8.83 18.29 7.65
N GLN A 581 -8.62 17.00 7.36
CA GLN A 581 -7.26 16.58 7.01
C GLN A 581 -6.69 17.26 5.77
N GLY A 582 -7.49 17.35 4.71
CA GLY A 582 -7.02 18.02 3.47
C GLY A 582 -6.74 19.51 3.66
N GLU A 583 -7.51 20.17 4.52
CA GLU A 583 -7.28 21.59 4.88
C GLU A 583 -5.93 21.81 5.58
N ALA A 584 -5.57 20.91 6.49
CA ALA A 584 -4.28 21.01 7.14
C ALA A 584 -3.16 20.81 6.10
N LEU A 585 -3.33 19.82 5.23
CA LEU A 585 -2.34 19.51 4.16
C LEU A 585 -2.17 20.64 3.15
N SER A 586 -3.28 21.33 2.87
CA SER A 586 -3.24 22.52 2.03
C SER A 586 -2.42 23.65 2.66
N LYS A 587 -2.59 23.88 3.96
CA LYS A 587 -1.84 24.92 4.66
C LYS A 587 -0.33 24.61 4.81
N LEU A 588 0.00 23.34 5.04
CA LEU A 588 1.39 22.93 5.15
C LEU A 588 2.10 23.19 3.84
N LYS A 589 1.39 22.93 2.74
CA LYS A 589 1.93 23.18 1.41
C LYS A 589 2.29 24.66 1.25
N ALA A 590 1.37 25.52 1.64
CA ALA A 590 1.63 26.94 1.53
C ALA A 590 2.79 27.33 2.45
N LEU A 591 2.85 26.72 3.64
CA LEU A 591 3.89 27.09 4.60
C LEU A 591 5.25 26.58 4.13
N ASN A 592 5.23 25.38 3.56
CA ASN A 592 6.43 24.80 2.99
C ASN A 592 6.97 25.65 1.86
N ASP A 593 6.08 26.23 1.03
CA ASP A 593 6.50 27.13 -0.07
C ASP A 593 7.21 28.41 0.38
N PHE A 594 6.68 29.00 1.44
CA PHE A 594 7.31 30.13 2.09
C PHE A 594 8.71 29.79 2.56
N VAL A 595 8.84 28.63 3.20
CA VAL A 595 10.07 28.26 3.88
C VAL A 595 11.12 28.07 2.80
N LYS A 596 10.72 27.41 1.70
CA LYS A 596 11.58 27.30 0.51
C LYS A 596 12.09 28.64 0.01
N VAL A 597 11.18 29.58 -0.22
CA VAL A 597 11.59 30.90 -0.67
C VAL A 597 12.48 31.55 0.38
N SER A 598 11.98 31.64 1.61
CA SER A 598 12.69 32.31 2.69
C SER A 598 14.15 31.80 2.92
N SER A 599 14.33 30.49 2.90
CA SER A 599 15.61 29.89 3.21
C SER A 599 16.68 30.22 2.19
N GLN A 600 16.27 30.53 0.96
CA GLN A 600 17.18 31.04 -0.07
C GLN A 600 17.64 32.50 0.11
N LYS A 601 16.98 33.23 1.00
CA LYS A 601 17.28 34.66 1.16
C LYS A 601 17.72 35.07 2.56
N THR A 602 17.64 34.18 3.54
CA THR A 602 17.93 34.58 4.93
C THR A 602 18.48 33.40 5.75
N THR A 603 18.90 33.65 7.00
CA THR A 603 19.48 32.59 7.85
C THR A 603 18.35 31.72 8.44
N LYS A 604 18.69 30.47 8.75
CA LYS A 604 17.72 29.54 9.30
C LYS A 604 16.95 30.08 10.52
N PRO A 605 17.66 30.67 11.52
CA PRO A 605 16.91 31.26 12.66
C PRO A 605 15.82 32.23 12.20
N GLN A 606 16.13 33.06 11.22
CA GLN A 606 15.15 34.07 10.77
C GLN A 606 13.96 33.43 10.05
N THR A 607 14.21 32.37 9.27
CA THR A 607 13.13 31.71 8.57
C THR A 607 12.18 30.97 9.54
N LYS A 608 12.76 30.34 10.56
CA LYS A 608 12.02 29.58 11.57
C LYS A 608 11.11 30.51 12.36
N GLU A 609 11.65 31.63 12.79
CA GLU A 609 10.83 32.68 13.43
C GLU A 609 9.67 33.18 12.53
N MET A 610 9.92 33.41 11.25
CA MET A 610 8.82 33.77 10.37
C MET A 610 7.82 32.66 10.01
N MET A 611 8.33 31.43 9.89
CA MET A 611 7.44 30.29 9.87
C MET A 611 6.48 30.32 11.07
N HIS A 612 7.01 30.56 12.26
CA HIS A 612 6.17 30.64 13.48
C HIS A 612 5.11 31.72 13.44
N MET A 613 5.48 32.93 13.04
CA MET A 613 4.49 33.99 12.78
C MET A 613 3.41 33.54 11.79
N CYS A 614 3.83 33.00 10.67
CA CYS A 614 2.88 32.53 9.69
C CYS A 614 1.92 31.51 10.30
N MET A 615 2.48 30.58 11.09
CA MET A 615 1.68 29.55 11.78
C MET A 615 0.75 30.15 12.82
N ARG A 616 1.18 31.27 13.43
CA ARG A 616 0.38 31.83 14.50
C ARG A 616 -0.83 32.62 14.02
N GLN A 617 -0.95 32.79 12.72
CA GLN A 617 -2.16 33.39 12.15
C GLN A 617 -3.36 32.48 12.40
N GLU A 618 -4.51 33.10 12.62
CA GLU A 618 -5.75 32.42 12.98
C GLU A 618 -6.10 31.32 12.00
N THR A 619 -6.11 31.66 10.73
CA THR A 619 -6.37 30.69 9.65
C THR A 619 -5.47 29.42 9.76
N TYR A 620 -4.19 29.61 10.06
CA TYR A 620 -3.28 28.48 10.21
C TYR A 620 -3.48 27.67 11.51
N MET A 621 -3.53 28.33 12.68
CA MET A 621 -3.76 27.63 13.96
C MET A 621 -5.05 26.81 13.85
N GLU A 622 -6.05 27.38 13.20
CA GLU A 622 -7.30 26.68 12.96
C GLU A 622 -7.17 25.53 12.00
N ALA A 623 -6.57 25.76 10.83
CA ALA A 623 -6.42 24.64 9.88
C ALA A 623 -5.48 23.51 10.37
N LEU A 624 -4.50 23.84 11.20
CA LEU A 624 -3.45 22.89 11.58
C LEU A 624 -3.72 22.09 12.86
N SER A 625 -4.75 22.47 13.61
CA SER A 625 -5.07 21.87 14.89
C SER A 625 -6.34 21.03 14.86
N HIS A 626 -6.41 20.10 15.82
CA HIS A 626 -7.61 19.30 16.07
C HIS A 626 -8.02 18.47 14.88
N LEU A 627 -7.09 17.68 14.34
CA LEU A 627 -7.41 16.69 13.29
C LEU A 627 -6.92 15.25 13.63
N GLN A 628 -7.39 14.28 12.85
CA GLN A 628 -6.86 12.93 12.87
C GLN A 628 -5.67 12.87 11.96
N SER A 629 -4.70 12.05 12.35
CA SER A 629 -3.51 12.02 11.55
C SER A 629 -3.73 11.20 10.29
N PRO A 630 -3.32 11.73 9.13
CA PRO A 630 -3.40 10.90 7.92
C PRO A 630 -2.47 9.69 8.00
N LEU A 631 -1.38 9.82 8.76
CA LEU A 631 -0.51 8.68 9.05
C LEU A 631 -1.19 7.55 9.86
N ASP A 632 -2.23 7.89 10.62
CA ASP A 632 -2.83 6.93 11.55
C ASP A 632 -4.11 7.53 12.09
N PRO A 633 -5.25 7.12 11.57
CA PRO A 633 -6.45 7.81 12.02
C PRO A 633 -6.70 7.71 13.54
N SER A 634 -6.02 6.81 14.24
CA SER A 634 -6.26 6.71 15.70
C SER A 634 -5.39 7.67 16.53
N THR A 635 -4.42 8.26 15.87
CA THR A 635 -3.60 9.29 16.43
C THR A 635 -4.30 10.63 16.18
N LEU A 636 -4.51 11.36 17.27
CA LEU A 636 -5.16 12.66 17.23
C LEU A 636 -4.09 13.80 17.25
N LEU A 637 -4.12 14.72 16.29
CA LEU A 637 -3.21 15.85 16.31
C LEU A 637 -3.97 17.04 16.83
N GLU A 638 -3.72 17.35 18.10
CA GLU A 638 -4.52 18.33 18.82
C GLU A 638 -4.02 19.77 18.63
N GLU A 639 -3.33 20.34 19.62
CA GLU A 639 -2.71 21.67 19.48
C GLU A 639 -1.32 21.59 18.87
N VAL A 640 -1.13 22.27 17.75
CA VAL A 640 0.18 22.35 17.12
C VAL A 640 1.10 23.14 18.06
N CYS A 641 2.32 22.69 18.21
CA CYS A 641 3.24 23.28 19.12
C CYS A 641 4.21 24.10 18.31
N VAL A 642 3.85 25.36 18.09
CA VAL A 642 4.51 26.21 17.11
C VAL A 642 6.00 26.42 17.40
N GLU A 643 6.32 26.60 18.69
CA GLU A 643 7.67 26.92 19.10
C GLU A 643 8.58 25.83 18.70
N GLN A 644 8.05 24.61 18.68
CA GLN A 644 8.87 23.44 18.40
C GLN A 644 8.83 23.00 16.95
N CYS A 645 8.06 23.71 16.12
CA CYS A 645 8.00 23.31 14.71
C CYS A 645 9.17 23.98 14.07
N THR A 646 9.74 23.33 13.07
CA THR A 646 10.88 23.87 12.37
C THR A 646 10.92 23.25 10.98
N PHE A 647 12.10 23.22 10.35
CA PHE A 647 12.25 22.56 9.06
C PHE A 647 13.67 21.97 8.90
N MET A 648 13.79 20.95 8.05
CA MET A 648 15.08 20.37 7.69
C MET A 648 15.80 21.07 6.53
N ASP A 649 17.09 20.79 6.40
CA ASP A 649 17.99 21.52 5.52
C ASP A 649 18.19 20.97 4.12
N SER A 650 17.59 19.82 3.83
CA SER A 650 17.70 19.17 2.52
C SER A 650 16.88 19.93 1.50
N LYS A 651 17.09 19.58 0.24
CA LYS A 651 16.67 20.40 -0.90
C LYS A 651 15.23 20.92 -0.79
N MET A 652 14.32 20.03 -0.40
CA MET A 652 12.89 20.34 -0.37
C MET A 652 12.46 21.02 0.94
N LYS A 653 13.41 21.26 1.84
CA LYS A 653 13.13 21.93 3.11
C LYS A 653 11.90 21.36 3.86
N PRO A 654 11.90 20.05 4.15
CA PRO A 654 10.69 19.47 4.71
C PRO A 654 10.40 20.02 6.11
N LEU A 655 9.11 20.14 6.44
CA LEU A 655 8.66 20.73 7.69
C LEU A 655 8.53 19.68 8.74
N TRP A 656 8.83 20.09 9.95
CA TRP A 656 8.88 19.26 11.14
C TRP A 656 7.87 19.89 12.08
N ILE A 657 6.72 19.23 12.26
CA ILE A 657 5.62 19.81 12.99
C ILE A 657 5.36 18.99 14.24
N MET A 658 5.32 19.66 15.39
CA MET A 658 5.04 19.01 16.65
C MET A 658 3.65 19.35 17.10
N TYR A 659 3.07 18.41 17.82
CA TYR A 659 1.72 18.51 18.36
C TYR A 659 1.75 18.10 19.79
N SER A 660 0.82 18.60 20.58
CA SER A 660 0.62 18.09 21.94
C SER A 660 -0.88 17.97 22.22
N SER A 661 -1.20 17.32 23.33
CA SER A 661 -2.57 17.04 23.76
C SER A 661 -2.63 16.78 25.27
N GLU A 662 -3.27 17.68 26.00
CA GLU A 662 -3.47 17.52 27.44
C GLU A 662 -4.06 16.13 27.77
N GLU A 663 -5.16 15.79 27.09
CA GLU A 663 -5.94 14.58 27.41
C GLU A 663 -5.23 13.26 27.09
N ALA A 664 -4.25 13.29 26.19
CA ALA A 664 -3.46 12.09 25.92
C ALA A 664 -2.21 11.95 26.80
N GLY A 665 -1.82 13.04 27.48
CA GLY A 665 -0.51 13.13 28.16
C GLY A 665 0.65 13.01 27.19
N SER A 666 1.79 12.54 27.69
CA SER A 666 2.99 12.24 26.88
C SER A 666 2.81 11.49 25.55
N ALA A 667 1.78 10.66 25.44
CA ALA A 667 1.53 9.93 24.19
C ALA A 667 0.79 10.82 23.19
N GLY A 668 0.21 11.91 23.69
CA GLY A 668 -0.33 12.97 22.83
C GLY A 668 0.76 13.85 22.21
N ASN A 669 2.04 13.63 22.56
CA ASN A 669 3.14 14.40 21.98
C ASN A 669 3.65 13.67 20.78
N VAL A 670 3.33 14.14 19.59
CA VAL A 670 3.62 13.38 18.40
C VAL A 670 4.08 14.34 17.37
N GLY A 671 4.76 13.83 16.37
CA GLY A 671 5.39 14.69 15.40
C GLY A 671 5.17 14.17 14.02
N ILE A 672 5.03 15.08 13.05
CA ILE A 672 4.95 14.68 11.66
C ILE A 672 5.92 15.45 10.84
N ILE A 673 6.34 14.85 9.73
CA ILE A 673 7.19 15.53 8.77
C ILE A 673 6.39 15.66 7.49
N PHE A 674 6.39 16.87 6.91
CA PHE A 674 5.72 17.19 5.66
C PHE A 674 6.81 17.46 4.64
N LYS A 675 6.76 16.66 3.59
CA LYS A 675 7.67 16.83 2.48
C LYS A 675 6.92 17.04 1.15
N ASN A 676 7.34 18.06 0.42
CA ASN A 676 6.76 18.39 -0.86
C ASN A 676 7.81 18.64 -1.93
N GLY A 677 7.74 17.89 -3.01
CA GLY A 677 8.76 17.96 -4.05
C GLY A 677 9.52 16.67 -4.26
N ASP A 678 9.50 15.77 -3.28
CA ASP A 678 10.09 14.43 -3.43
C ASP A 678 9.04 13.35 -3.50
N ASP A 679 9.44 12.19 -3.98
CA ASP A 679 8.56 11.06 -4.15
C ASP A 679 8.67 10.18 -2.91
N LEU A 680 7.52 9.91 -2.28
CA LEU A 680 7.47 9.12 -1.06
C LEU A 680 6.98 7.65 -1.21
N ARG A 681 6.55 7.29 -2.43
CA ARG A 681 5.95 5.98 -2.78
C ARG A 681 6.89 4.81 -2.54
N GLN A 682 8.15 4.99 -2.91
CA GLN A 682 9.20 3.98 -2.69
C GLN A 682 9.46 3.76 -1.17
N ASP A 683 9.49 4.83 -0.40
CA ASP A 683 9.65 4.72 1.03
C ASP A 683 8.47 4.03 1.65
N MET A 684 7.25 4.36 1.20
CA MET A 684 6.06 3.69 1.80
C MET A 684 6.08 2.20 1.53
N LEU A 685 6.40 1.81 0.29
CA LEU A 685 6.46 0.41 -0.09
C LEU A 685 7.49 -0.36 0.73
N THR A 686 8.68 0.22 0.85
CA THR A 686 9.75 -0.39 1.58
C THR A 686 9.35 -0.60 3.03
N LEU A 687 8.79 0.44 3.62
CA LEU A 687 8.32 0.38 5.00
C LEU A 687 7.18 -0.63 5.22
N GLN A 688 6.28 -0.82 4.24
CA GLN A 688 5.24 -1.86 4.35
C GLN A 688 5.84 -3.27 4.29
N MET A 689 6.90 -3.45 3.51
CA MET A 689 7.57 -4.74 3.40
C MET A 689 8.34 -5.13 4.67
N ILE A 690 9.01 -4.17 5.25
CA ILE A 690 9.70 -4.34 6.51
C ILE A 690 8.70 -4.70 7.60
N GLN A 691 7.61 -3.97 7.66
CA GLN A 691 6.50 -4.28 8.56
C GLN A 691 5.89 -5.69 8.35
N LEU A 692 5.73 -6.09 7.10
CA LEU A 692 5.30 -7.46 6.80
C LEU A 692 6.30 -8.50 7.36
N MET A 693 7.62 -8.23 7.20
CA MET A 693 8.65 -9.15 7.69
C MET A 693 8.48 -9.31 9.19
N ASP A 694 8.38 -8.17 9.87
CA ASP A 694 8.11 -8.09 11.31
C ASP A 694 6.90 -8.92 11.73
N VAL A 695 5.81 -8.87 10.96
CA VAL A 695 4.62 -9.72 11.24
C VAL A 695 4.97 -11.21 11.11
N LEU A 696 5.68 -11.59 10.03
CA LEU A 696 6.01 -12.99 9.78
C LEU A 696 6.97 -13.52 10.84
N TRP A 697 7.97 -12.72 11.16
CA TRP A 697 8.87 -13.02 12.26
C TRP A 697 8.11 -13.21 13.59
N LYS A 698 7.25 -12.28 13.96
CA LYS A 698 6.51 -12.45 15.20
C LYS A 698 5.56 -13.64 15.15
N GLN A 699 5.05 -13.98 13.97
CA GLN A 699 4.18 -15.16 13.88
C GLN A 699 4.95 -16.42 14.22
N GLU A 700 6.29 -16.39 14.13
CA GLU A 700 7.09 -17.54 14.52
C GLU A 700 7.78 -17.30 15.85
N GLY A 701 7.25 -16.40 16.67
CA GLY A 701 7.85 -16.15 17.99
C GLY A 701 9.18 -15.39 18.02
N LEU A 702 9.50 -14.67 16.94
CA LEU A 702 10.73 -13.88 16.86
C LEU A 702 10.41 -12.38 16.77
N ASP A 703 10.55 -11.66 17.88
CA ASP A 703 10.41 -10.21 17.88
C ASP A 703 11.81 -9.56 17.76
N LEU A 704 12.13 -8.94 16.62
CA LEU A 704 13.39 -8.22 16.37
C LEU A 704 13.27 -6.70 16.65
N ARG A 705 12.22 -6.32 17.36
CA ARG A 705 12.15 -4.99 17.93
C ARG A 705 12.27 -3.95 16.82
N MET A 706 11.47 -4.13 15.77
CA MET A 706 11.44 -3.22 14.61
C MET A 706 10.75 -1.86 14.86
N THR A 707 11.01 -0.88 13.99
CA THR A 707 10.39 0.44 14.15
C THR A 707 9.63 0.76 12.86
N PRO A 708 8.47 0.11 12.70
CA PRO A 708 7.67 0.32 11.51
C PRO A 708 6.88 1.65 11.55
N TYR A 709 7.53 2.78 11.29
CA TYR A 709 6.90 4.12 11.43
C TYR A 709 6.09 4.48 10.14
N GLY A 710 5.05 5.30 10.32
CA GLY A 710 4.17 5.72 9.22
C GLY A 710 4.81 6.55 8.13
N CYS A 711 4.40 6.28 6.90
CA CYS A 711 4.89 7.06 5.79
C CYS A 711 3.78 6.98 4.75
N LEU A 712 3.32 8.13 4.23
CA LEU A 712 2.05 8.20 3.49
C LEU A 712 2.00 9.32 2.45
N PRO A 713 2.14 8.97 1.18
CA PRO A 713 1.99 9.96 0.12
C PRO A 713 0.54 10.43 0.17
N THR A 714 0.31 11.72 -0.05
CA THR A 714 -1.04 12.28 0.09
C THR A 714 -1.46 13.01 -1.18
N GLY A 715 -0.48 13.29 -2.02
CA GLY A 715 -0.72 14.15 -3.21
C GLY A 715 0.50 14.08 -4.11
N ASP A 716 0.58 15.01 -5.04
CA ASP A 716 1.61 15.00 -6.05
C ASP A 716 2.95 15.35 -5.40
N ARG A 717 3.83 14.34 -5.30
CA ARG A 717 5.11 14.48 -4.61
C ARG A 717 4.95 15.15 -3.23
N THR A 718 3.91 14.73 -2.55
CA THR A 718 3.54 15.26 -1.25
C THR A 718 3.15 14.12 -0.38
N GLY A 719 3.59 14.16 0.87
CA GLY A 719 3.14 13.20 1.87
C GLY A 719 3.74 13.47 3.22
N LEU A 720 3.50 12.52 4.12
CA LEU A 720 3.82 12.67 5.52
C LEU A 720 4.67 11.51 5.96
N ILE A 721 5.57 11.81 6.90
CA ILE A 721 6.40 10.83 7.59
C ILE A 721 6.15 11.02 9.08
N GLU A 722 5.97 9.91 9.78
CA GLU A 722 5.84 9.95 11.20
C GLU A 722 7.18 10.24 11.85
N VAL A 723 7.18 11.08 12.88
CA VAL A 723 8.38 11.30 13.68
C VAL A 723 8.50 10.25 14.80
N VAL A 724 9.59 9.49 14.82
CA VAL A 724 9.84 8.63 15.95
C VAL A 724 10.62 9.45 16.95
N LEU A 725 10.00 9.74 18.09
CA LEU A 725 10.59 10.66 19.07
C LEU A 725 11.71 9.95 19.80
N HIS A 726 12.64 10.70 20.39
CA HIS A 726 13.66 10.11 21.25
C HIS A 726 14.62 9.27 20.41
N SER A 727 14.95 9.78 19.25
CA SER A 727 15.84 9.08 18.34
C SER A 727 16.78 10.10 17.72
N ASP A 728 17.89 9.60 17.19
CA ASP A 728 18.88 10.46 16.56
C ASP A 728 19.65 9.60 15.57
N THR A 729 20.14 10.21 14.51
CA THR A 729 20.90 9.49 13.51
C THR A 729 22.24 9.05 14.12
N ILE A 730 22.80 8.00 13.53
CA ILE A 730 24.16 7.56 13.87
C ILE A 730 25.13 8.72 13.70
N ALA A 731 25.03 9.42 12.56
CA ALA A 731 25.92 10.55 12.25
C ALA A 731 25.92 11.55 13.40
N ASN A 732 24.75 11.98 13.84
CA ASN A 732 24.66 12.99 14.91
C ASN A 732 25.30 12.50 16.16
N ILE A 733 25.00 11.27 16.50
CA ILE A 733 25.59 10.68 17.67
C ILE A 733 27.11 10.53 17.50
N GLN A 734 27.57 10.33 16.26
CA GLN A 734 29.02 10.16 15.98
C GLN A 734 29.77 11.47 15.73
N LEU A 735 29.09 12.60 15.83
CA LEU A 735 29.78 13.89 15.78
C LEU A 735 30.82 14.03 16.89
N ASN A 736 30.66 13.21 17.93
CA ASN A 736 31.59 13.19 19.09
C ASN A 736 31.78 14.58 19.74
N LYS A 737 30.65 15.27 19.88
CA LYS A 737 30.55 16.56 20.53
C LYS A 737 31.10 16.55 21.96
N SER A 738 31.96 17.51 22.27
CA SER A 738 32.38 17.73 23.64
C SER A 738 31.22 18.31 24.44
N ASN A 739 31.34 18.34 25.78
CA ASN A 739 30.33 18.93 26.66
C ASN A 739 29.05 18.14 26.62
N MET A 740 29.21 16.83 26.55
CA MET A 740 28.10 15.93 26.31
C MET A 740 28.44 14.60 26.97
N ALA A 741 27.40 13.90 27.40
CA ALA A 741 27.54 12.65 28.12
C ALA A 741 28.53 11.70 27.44
N ALA A 742 28.28 11.47 26.16
CA ALA A 742 28.89 10.37 25.40
C ALA A 742 30.36 10.59 24.92
N THR A 743 31.14 11.37 25.69
CA THR A 743 32.44 11.88 25.25
C THR A 743 33.52 10.77 25.14
N ALA A 744 33.87 10.47 23.89
CA ALA A 744 34.72 9.32 23.56
C ALA A 744 36.23 9.61 23.50
N ALA A 745 36.99 8.59 23.86
CA ALA A 745 38.45 8.59 23.68
C ALA A 745 38.70 8.09 22.26
N PHE A 746 37.82 7.18 21.83
CA PHE A 746 37.82 6.63 20.49
C PHE A 746 36.42 6.70 19.92
N ASN A 747 36.31 7.18 18.68
CA ASN A 747 35.00 7.32 18.03
C ASN A 747 34.22 5.99 18.05
N LYS A 748 34.92 4.86 18.04
CA LYS A 748 34.22 3.57 18.14
C LYS A 748 33.35 3.42 19.40
N ASP A 749 33.63 4.21 20.45
CA ASP A 749 32.84 4.12 21.68
C ASP A 749 31.67 5.11 21.79
N ALA A 750 31.58 6.05 20.84
CA ALA A 750 30.60 7.12 20.93
C ALA A 750 29.20 6.58 21.10
N LEU A 751 28.88 5.59 20.28
CA LEU A 751 27.53 5.07 20.18
C LEU A 751 27.15 4.33 21.47
N LEU A 752 28.07 3.53 21.98
CA LEU A 752 27.92 2.82 23.22
C LEU A 752 27.80 3.78 24.43
N ASN A 753 28.65 4.82 24.48
CA ASN A 753 28.52 5.85 25.50
C ASN A 753 27.12 6.50 25.45
N TRP A 754 26.58 6.66 24.25
CA TRP A 754 25.33 7.34 24.10
C TRP A 754 24.23 6.43 24.66
N LEU A 755 24.30 5.16 24.32
CA LEU A 755 23.31 4.20 24.83
C LEU A 755 23.39 4.14 26.34
N LYS A 756 24.60 4.23 26.87
CA LYS A 756 24.85 4.24 28.31
C LYS A 756 24.27 5.42 29.08
N SER A 757 24.27 6.60 28.46
CA SER A 757 23.76 7.80 29.12
C SER A 757 22.24 7.79 29.06
N LYS A 758 21.69 7.17 28.04
CA LYS A 758 20.26 7.01 27.96
C LYS A 758 19.79 5.84 28.81
N ASN A 759 20.72 4.98 29.24
CA ASN A 759 20.35 3.71 29.88
C ASN A 759 21.22 3.32 31.05
N PRO A 760 21.14 4.07 32.18
CA PRO A 760 22.08 3.87 33.30
C PRO A 760 22.05 2.47 33.89
N GLY A 761 23.20 2.01 34.39
CA GLY A 761 23.35 0.74 35.09
C GLY A 761 22.71 -0.42 34.38
N GLU A 762 22.01 -1.25 35.15
CA GLU A 762 21.28 -2.42 34.63
C GLU A 762 20.44 -2.23 33.37
N ALA A 763 19.98 -1.02 33.06
CA ALA A 763 19.15 -0.82 31.84
C ALA A 763 19.94 -1.04 30.56
N LEU A 764 21.27 -0.94 30.67
CA LEU A 764 22.21 -1.04 29.55
C LEU A 764 22.12 -2.37 28.83
N ASP A 765 22.11 -3.46 29.61
CA ASP A 765 22.00 -4.80 29.06
C ASP A 765 20.88 -4.94 28.08
N ARG A 766 19.70 -4.43 28.45
CA ARG A 766 18.51 -4.57 27.62
C ARG A 766 18.58 -3.69 26.40
N ALA A 767 19.19 -2.52 26.56
CA ALA A 767 19.34 -1.63 25.40
C ALA A 767 20.24 -2.29 24.34
N ILE A 768 21.32 -2.91 24.76
CA ILE A 768 22.24 -3.60 23.87
C ILE A 768 21.52 -4.76 23.23
N GLU A 769 20.79 -5.52 24.02
CA GLU A 769 19.92 -6.53 23.40
C GLU A 769 18.95 -5.98 22.36
N GLU A 770 18.28 -4.88 22.70
CA GLU A 770 17.29 -4.29 21.75
C GLU A 770 18.01 -3.86 20.48
N PHE A 771 19.22 -3.30 20.64
CA PHE A 771 20.01 -2.86 19.52
C PHE A 771 20.38 -4.04 18.65
N THR A 772 20.77 -5.15 19.29
CA THR A 772 21.19 -6.39 18.62
C THR A 772 20.10 -7.07 17.80
N LEU A 773 18.95 -7.28 18.43
CA LEU A 773 17.78 -7.80 17.73
C LEU A 773 17.39 -6.93 16.49
N SER A 774 17.26 -5.62 16.69
CA SER A 774 16.76 -4.77 15.57
C SER A 774 17.82 -4.67 14.45
N CYS A 775 19.07 -4.52 14.85
CA CYS A 775 20.15 -4.54 13.88
C CYS A 775 20.08 -5.78 12.95
N ALA A 776 19.84 -6.95 13.55
CA ALA A 776 19.66 -8.17 12.74
C ALA A 776 18.50 -8.04 11.76
N GLY A 777 17.32 -7.67 12.28
CA GLY A 777 16.17 -7.37 11.43
C GLY A 777 16.52 -6.48 10.24
N TYR A 778 17.17 -5.34 10.51
CA TYR A 778 17.46 -4.36 9.48
C TYR A 778 18.54 -4.85 8.53
N CYS A 779 19.59 -5.52 9.05
CA CYS A 779 20.57 -6.12 8.16
C CYS A 779 19.93 -7.13 7.21
N VAL A 780 18.96 -7.91 7.69
CA VAL A 780 18.30 -8.88 6.82
C VAL A 780 17.36 -8.20 5.85
N ALA A 781 16.54 -7.27 6.36
CA ALA A 781 15.59 -6.59 5.50
C ALA A 781 16.26 -5.84 4.35
N THR A 782 17.31 -5.09 4.66
CA THR A 782 17.92 -4.26 3.63
C THR A 782 18.67 -5.14 2.64
N TYR A 783 19.18 -6.26 3.13
CA TYR A 783 19.79 -7.25 2.27
C TYR A 783 18.79 -7.92 1.34
N VAL A 784 17.68 -8.41 1.89
CA VAL A 784 16.67 -9.07 1.07
C VAL A 784 16.10 -8.09 0.02
N LEU A 785 15.85 -6.84 0.44
CA LEU A 785 15.24 -5.86 -0.42
C LEU A 785 16.19 -5.12 -1.36
N GLY A 786 17.49 -5.40 -1.29
CA GLY A 786 18.49 -4.68 -2.11
C GLY A 786 18.60 -3.17 -1.88
N ILE A 787 18.41 -2.75 -0.64
CA ILE A 787 18.47 -1.37 -0.26
C ILE A 787 19.93 -1.02 0.02
N GLY A 788 20.49 -0.17 -0.83
CA GLY A 788 21.88 0.24 -0.75
C GLY A 788 21.99 1.68 -0.31
N ASP A 789 23.21 2.20 -0.39
CA ASP A 789 23.51 3.55 0.05
C ASP A 789 23.15 3.74 1.54
N ARG A 790 23.34 2.69 2.33
CA ARG A 790 23.08 2.80 3.75
C ARG A 790 24.33 3.44 4.34
N HIS A 791 24.15 4.41 5.23
CA HIS A 791 25.28 5.09 5.87
C HIS A 791 24.77 5.82 7.09
N SER A 792 25.67 6.52 7.78
CA SER A 792 25.38 6.97 9.16
C SER A 792 24.35 8.10 9.25
N ASP A 793 23.96 8.66 8.09
CA ASP A 793 22.95 9.70 8.03
C ASP A 793 21.54 9.14 7.80
N ASN A 794 21.41 7.91 7.32
CA ASN A 794 20.07 7.36 7.11
C ASN A 794 19.80 6.12 7.99
N ILE A 795 20.58 6.01 9.05
CA ILE A 795 20.34 5.01 10.06
C ILE A 795 20.18 5.71 11.41
N MET A 796 19.14 5.32 12.15
CA MET A 796 18.83 5.94 13.44
C MET A 796 18.81 4.99 14.64
N ILE A 797 18.92 5.56 15.83
CA ILE A 797 18.85 4.83 17.07
C ILE A 797 17.85 5.49 17.98
N ARG A 798 17.07 4.68 18.66
CA ARG A 798 16.14 5.14 19.67
C ARG A 798 16.80 5.03 20.99
N GLU A 799 16.29 5.77 21.98
CA GLU A 799 16.93 5.80 23.32
C GLU A 799 16.81 4.48 24.02
N SER A 800 15.85 3.68 23.59
CA SER A 800 15.72 2.29 24.03
C SER A 800 16.83 1.41 23.46
N GLY A 801 17.55 1.85 22.43
CA GLY A 801 18.61 1.02 21.86
C GLY A 801 18.25 0.45 20.48
N GLN A 802 16.95 0.47 20.14
CA GLN A 802 16.48 0.03 18.81
C GLN A 802 17.05 0.85 17.68
N LEU A 803 17.52 0.15 16.66
CA LEU A 803 18.13 0.74 15.51
C LEU A 803 17.11 0.66 14.41
N PHE A 804 17.03 1.68 13.54
CA PHE A 804 16.17 1.59 12.34
C PHE A 804 16.72 2.44 11.20
N HIS A 805 16.03 2.38 10.07
CA HIS A 805 16.48 2.98 8.84
C HIS A 805 15.47 4.00 8.35
N ILE A 806 15.95 5.08 7.76
CA ILE A 806 15.07 6.07 7.18
C ILE A 806 15.48 6.31 5.74
N ASP A 807 14.63 6.98 4.96
CA ASP A 807 15.01 7.59 3.68
C ASP A 807 15.59 6.57 2.72
N PHE A 808 14.72 5.70 2.21
CA PHE A 808 15.12 4.68 1.23
C PHE A 808 14.89 5.27 -0.18
N GLY A 809 15.92 5.51 -0.94
CA GLY A 809 15.68 5.93 -2.32
C GLY A 809 15.93 4.79 -3.31
N HIS A 810 16.59 3.73 -2.84
CA HIS A 810 16.97 2.63 -3.70
C HIS A 810 16.53 1.31 -3.06
N PHE A 811 16.10 0.38 -3.91
CA PHE A 811 15.83 -1.03 -3.51
C PHE A 811 15.88 -1.95 -4.72
N LEU A 812 15.84 -3.26 -4.48
CA LEU A 812 16.02 -4.24 -5.53
C LEU A 812 17.28 -3.91 -6.34
N GLY A 813 18.30 -3.45 -5.63
CA GLY A 813 19.64 -3.30 -6.18
C GLY A 813 19.70 -2.21 -7.22
N ASN A 814 18.56 -1.57 -7.46
CA ASN A 814 18.52 -0.43 -8.34
C ASN A 814 19.23 0.71 -7.64
N PHE A 815 20.49 0.40 -7.29
CA PHE A 815 21.56 1.33 -6.95
C PHE A 815 21.39 2.73 -7.51
N ARG A 825 23.51 -5.92 -7.42
CA ARG A 825 23.56 -6.92 -6.35
C ARG A 825 24.24 -6.32 -5.11
N VAL A 826 23.42 -5.81 -4.18
CA VAL A 826 23.98 -5.16 -2.96
C VAL A 826 24.36 -6.23 -1.92
N PRO A 827 25.63 -6.22 -1.47
CA PRO A 827 26.10 -7.24 -0.55
C PRO A 827 25.43 -7.08 0.81
N PHE A 828 25.47 -8.12 1.64
CA PHE A 828 25.07 -8.03 3.05
C PHE A 828 26.05 -7.11 3.76
N ILE A 829 25.56 -6.36 4.74
CA ILE A 829 26.32 -5.29 5.33
C ILE A 829 26.49 -5.46 6.85
N LEU A 830 27.74 -5.58 7.29
CA LEU A 830 28.10 -5.53 8.71
C LEU A 830 28.97 -4.29 9.03
N THR A 831 28.37 -3.28 9.64
CA THR A 831 29.13 -2.12 9.99
C THR A 831 29.78 -2.37 11.34
N TYR A 832 31.06 -2.04 11.39
CA TYR A 832 31.91 -2.20 12.53
C TYR A 832 31.35 -1.69 13.84
N ASP A 833 30.87 -0.45 13.83
CA ASP A 833 30.44 0.24 15.04
C ASP A 833 29.19 -0.42 15.61
N PHE A 834 28.42 -1.10 14.77
CA PHE A 834 27.26 -1.85 15.27
C PHE A 834 27.75 -3.14 15.90
N VAL A 835 28.73 -3.76 15.24
CA VAL A 835 29.37 -4.96 15.74
C VAL A 835 30.00 -4.66 17.08
N HIS A 836 30.52 -3.46 17.24
CA HIS A 836 31.16 -3.07 18.49
C HIS A 836 30.14 -3.00 19.64
N VAL A 837 29.01 -2.34 19.42
CA VAL A 837 27.86 -2.39 20.35
C VAL A 837 27.39 -3.84 20.69
N ILE A 838 27.16 -4.65 19.65
CA ILE A 838 26.72 -6.03 19.86
C ILE A 838 27.69 -6.78 20.77
N GLN A 839 28.99 -6.52 20.59
CA GLN A 839 30.03 -7.15 21.38
C GLN A 839 30.22 -6.51 22.76
N GLN A 840 29.31 -5.60 23.14
CA GLN A 840 29.33 -4.89 24.42
C GLN A 840 30.67 -4.16 24.62
N GLY A 841 31.26 -3.68 23.53
CA GLY A 841 32.50 -2.86 23.61
C GLY A 841 33.76 -3.66 23.42
N LYS A 842 33.65 -4.99 23.43
CA LYS A 842 34.84 -5.86 23.41
C LYS A 842 35.31 -6.17 22.00
N THR A 843 36.63 -6.29 21.83
CA THR A 843 37.24 -6.66 20.57
C THR A 843 36.85 -8.07 20.17
N ASN A 844 36.73 -8.96 21.16
CA ASN A 844 36.28 -10.34 20.92
C ASN A 844 35.17 -10.71 21.85
N ASN A 845 34.10 -11.23 21.28
CA ASN A 845 32.97 -11.66 22.08
C ASN A 845 32.13 -12.52 21.16
N SER A 846 32.67 -13.68 20.81
CA SER A 846 32.00 -14.54 19.85
C SER A 846 30.66 -15.02 20.37
N GLU A 847 30.54 -15.07 21.68
CA GLU A 847 29.28 -15.40 22.31
C GLU A 847 28.18 -14.38 22.01
N LYS A 848 28.51 -13.09 21.99
CA LYS A 848 27.51 -12.13 21.60
C LYS A 848 27.34 -12.08 20.10
N PHE A 849 28.47 -12.03 19.40
CA PHE A 849 28.45 -11.93 17.96
C PHE A 849 27.64 -13.07 17.33
N GLU A 850 27.87 -14.30 17.81
CA GLU A 850 27.16 -15.47 17.28
C GLU A 850 25.71 -15.60 17.68
N ARG A 851 25.30 -15.02 18.82
CA ARG A 851 23.86 -14.89 19.04
C ARG A 851 23.27 -14.06 17.90
N PHE A 852 23.97 -13.00 17.56
CA PHE A 852 23.57 -12.08 16.52
C PHE A 852 23.49 -12.74 15.14
N ARG A 853 24.48 -13.58 14.81
CA ARG A 853 24.41 -14.39 13.59
C ARG A 853 23.17 -15.30 13.56
N GLY A 854 22.87 -15.92 14.71
CA GLY A 854 21.70 -16.79 14.82
C GLY A 854 20.45 -15.98 14.53
N TYR A 855 20.30 -14.81 15.17
CA TYR A 855 19.13 -13.95 14.89
C TYR A 855 19.01 -13.67 13.39
N CYS A 856 20.10 -13.23 12.74
CA CYS A 856 20.05 -13.02 11.28
C CYS A 856 19.59 -14.26 10.47
N GLU A 857 20.08 -15.43 10.85
CA GLU A 857 19.75 -16.67 10.12
C GLU A 857 18.31 -17.09 10.29
N ARG A 858 17.82 -17.09 11.53
CA ARG A 858 16.39 -17.28 11.83
C ARG A 858 15.49 -16.33 11.02
N ALA A 859 15.86 -15.05 11.00
CA ALA A 859 15.02 -14.03 10.35
C ALA A 859 14.99 -14.29 8.88
N TYR A 860 16.17 -14.62 8.35
CA TYR A 860 16.31 -14.94 6.94
C TYR A 860 15.56 -16.20 6.48
N THR A 861 15.56 -17.25 7.31
CA THR A 861 15.00 -18.51 6.89
C THR A 861 13.48 -18.42 6.97
N ILE A 862 12.96 -17.65 7.93
CA ILE A 862 11.53 -17.42 8.02
C ILE A 862 10.99 -16.72 6.76
N LEU A 863 11.72 -15.70 6.28
CA LEU A 863 11.27 -14.94 5.12
C LEU A 863 11.25 -15.83 3.88
N ARG A 864 12.27 -16.67 3.70
CA ARG A 864 12.25 -17.68 2.60
C ARG A 864 10.99 -18.52 2.58
N ARG A 865 10.54 -18.94 3.75
CA ARG A 865 9.30 -19.70 3.86
C ARG A 865 8.07 -18.92 3.35
N HIS A 866 8.10 -17.59 3.36
CA HIS A 866 7.01 -16.79 2.78
C HIS A 866 7.48 -16.10 1.51
N GLY A 867 8.54 -16.66 0.92
CA GLY A 867 9.13 -16.07 -0.27
C GLY A 867 8.06 -15.79 -1.28
N LEU A 868 7.16 -16.76 -1.44
CA LEU A 868 6.06 -16.63 -2.40
C LEU A 868 5.13 -15.45 -2.15
N LEU A 869 4.96 -15.07 -0.89
CA LEU A 869 4.08 -13.97 -0.56
C LEU A 869 4.71 -12.65 -0.97
N PHE A 870 6.02 -12.51 -0.77
CA PHE A 870 6.73 -11.33 -1.25
C PHE A 870 6.76 -11.21 -2.76
N LEU A 871 6.90 -12.33 -3.45
CA LEU A 871 6.89 -12.33 -4.93
C LEU A 871 5.53 -11.95 -5.53
N HIS A 872 4.43 -12.49 -5.01
CA HIS A 872 3.10 -12.09 -5.52
C HIS A 872 2.83 -10.61 -5.25
N LEU A 873 3.19 -10.13 -4.07
CA LEU A 873 2.97 -8.72 -3.72
C LEU A 873 3.81 -7.77 -4.58
N PHE A 874 5.08 -8.10 -4.81
CA PHE A 874 5.91 -7.30 -5.69
C PHE A 874 5.39 -7.33 -7.14
N ALA A 875 4.89 -8.49 -7.55
CA ALA A 875 4.35 -8.66 -8.89
C ALA A 875 3.18 -7.73 -9.10
N LEU A 876 2.31 -7.61 -8.10
CA LEU A 876 1.16 -6.72 -8.16
C LEU A 876 1.62 -5.26 -8.14
N MET A 877 2.73 -5.00 -7.47
CA MET A 877 3.27 -3.63 -7.35
C MET A 877 3.79 -3.09 -8.66
N ARG A 878 4.16 -3.98 -9.57
CA ARG A 878 4.55 -3.58 -10.91
C ARG A 878 3.58 -2.60 -11.57
N ALA A 879 2.32 -2.60 -11.12
CA ALA A 879 1.30 -1.67 -11.61
C ALA A 879 1.47 -0.24 -11.06
N ALA A 880 2.42 -0.03 -10.16
CA ALA A 880 2.62 1.29 -9.56
C ALA A 880 3.26 2.28 -10.53
N GLY A 881 4.08 1.77 -11.43
CA GLY A 881 4.88 2.62 -12.31
C GLY A 881 6.11 3.16 -11.61
N LEU A 882 6.45 2.62 -10.45
CA LEU A 882 7.67 2.97 -9.72
C LEU A 882 8.87 2.67 -10.57
N PRO A 883 9.81 3.62 -10.71
CA PRO A 883 10.89 3.39 -11.68
C PRO A 883 11.77 2.18 -11.34
N GLU A 884 11.89 1.82 -10.08
CA GLU A 884 12.76 0.71 -9.70
C GLU A 884 12.01 -0.60 -9.54
N LEU A 885 10.78 -0.64 -10.06
CA LEU A 885 9.95 -1.82 -10.07
C LEU A 885 9.20 -1.93 -11.41
N SER A 886 9.95 -2.18 -12.48
CA SER A 886 9.43 -2.11 -13.86
C SER A 886 9.24 -3.46 -14.55
N CYS A 887 10.19 -4.35 -14.38
CA CYS A 887 10.25 -5.56 -15.18
C CYS A 887 10.68 -6.79 -14.37
N SER A 888 11.11 -7.82 -15.07
CA SER A 888 11.40 -9.11 -14.46
C SER A 888 12.64 -9.15 -13.62
N LYS A 889 13.68 -8.45 -14.07
CA LYS A 889 14.96 -8.44 -13.38
C LYS A 889 14.90 -7.89 -11.96
N ASP A 890 13.92 -7.01 -11.69
CA ASP A 890 13.69 -6.48 -10.36
C ASP A 890 13.09 -7.56 -9.43
N ILE A 891 12.15 -8.34 -9.95
CA ILE A 891 11.57 -9.48 -9.25
C ILE A 891 12.62 -10.57 -9.02
N GLN A 892 13.42 -10.80 -10.05
CA GLN A 892 14.51 -11.79 -10.00
C GLN A 892 15.49 -11.42 -8.91
N TYR A 893 15.65 -10.11 -8.68
CA TYR A 893 16.48 -9.65 -7.58
C TYR A 893 16.00 -10.28 -6.25
N LEU A 894 14.69 -10.33 -6.07
CA LEU A 894 14.08 -10.97 -4.91
C LEU A 894 14.13 -12.50 -4.89
N LYS A 895 14.10 -13.13 -6.06
CA LYS A 895 14.33 -14.57 -6.12
C LYS A 895 15.72 -14.88 -5.65
N ASP A 896 16.68 -14.07 -6.09
CA ASP A 896 18.07 -14.32 -5.79
C ASP A 896 18.40 -14.01 -4.34
N SER A 897 17.83 -12.93 -3.83
CA SER A 897 18.11 -12.51 -2.46
C SER A 897 17.56 -13.53 -1.44
N LEU A 898 16.39 -14.10 -1.74
CA LEU A 898 15.77 -15.15 -0.94
C LEU A 898 16.13 -16.60 -1.34
N ALA A 899 16.98 -16.74 -2.36
CA ALA A 899 17.44 -18.06 -2.87
C ALA A 899 16.33 -19.11 -2.88
N LEU A 900 15.22 -18.76 -3.53
CA LEU A 900 13.99 -19.53 -3.42
C LEU A 900 13.98 -20.81 -4.23
N GLY A 901 14.95 -20.95 -5.13
CA GLY A 901 15.08 -22.19 -5.90
C GLY A 901 15.91 -23.26 -5.20
N LYS A 902 16.40 -22.95 -4.00
CA LYS A 902 17.26 -23.88 -3.25
C LYS A 902 16.53 -24.53 -2.09
N THR A 903 17.12 -25.62 -1.62
CA THR A 903 16.71 -26.26 -0.38
C THR A 903 17.11 -25.33 0.77
N GLU A 904 16.54 -25.55 1.96
CA GLU A 904 16.86 -24.66 3.06
C GLU A 904 18.34 -24.74 3.43
N GLU A 905 18.92 -25.92 3.22
CA GLU A 905 20.32 -26.14 3.56
C GLU A 905 21.26 -25.37 2.63
N GLU A 906 20.98 -25.38 1.34
CA GLU A 906 21.81 -24.66 0.36
C GLU A 906 21.68 -23.14 0.56
N ALA A 907 20.45 -22.66 0.66
CA ALA A 907 20.22 -21.22 0.84
C ALA A 907 20.94 -20.67 2.09
N LEU A 908 20.93 -21.46 3.17
CA LEU A 908 21.56 -21.06 4.41
C LEU A 908 23.09 -21.01 4.31
N LYS A 909 23.65 -22.02 3.63
CA LYS A 909 25.08 -22.10 3.40
C LYS A 909 25.54 -20.89 2.60
N HIS A 910 24.79 -20.62 1.53
CA HIS A 910 25.02 -19.47 0.68
C HIS A 910 24.93 -18.17 1.49
N PHE A 911 23.89 -18.05 2.32
CA PHE A 911 23.72 -16.88 3.16
C PHE A 911 24.93 -16.72 4.08
N ARG A 912 25.39 -17.84 4.66
CA ARG A 912 26.56 -17.84 5.55
C ARG A 912 27.82 -17.33 4.89
N VAL A 913 27.92 -17.54 3.59
CA VAL A 913 29.05 -17.01 2.85
C VAL A 913 28.93 -15.49 2.70
N LYS A 914 27.75 -15.00 2.35
CA LYS A 914 27.52 -13.55 2.19
C LYS A 914 27.79 -12.82 3.49
N PHE A 915 27.42 -13.47 4.59
CA PHE A 915 27.52 -12.90 5.94
C PHE A 915 28.99 -12.89 6.38
N ASN A 916 29.65 -14.05 6.32
CA ASN A 916 31.09 -14.12 6.59
C ASN A 916 31.85 -13.16 5.69
N GLU A 917 31.43 -13.05 4.44
CA GLU A 917 32.03 -12.05 3.54
C GLU A 917 31.84 -10.63 4.06
N ALA A 918 30.70 -10.39 4.70
CA ALA A 918 30.41 -9.07 5.24
C ALA A 918 31.30 -8.73 6.44
N LEU A 919 31.53 -9.74 7.29
CA LEU A 919 32.37 -9.58 8.47
C LEU A 919 33.84 -9.21 8.14
N ARG A 920 34.39 -9.84 7.10
CA ARG A 920 35.74 -9.50 6.57
C ARG A 920 35.78 -8.05 6.16
N GLU A 921 34.75 -7.65 5.43
CA GLU A 921 34.54 -6.29 4.98
C GLU A 921 34.36 -5.31 6.15
N SER A 922 33.96 -5.82 7.32
CA SER A 922 33.97 -5.02 8.55
C SER A 922 35.45 -4.84 8.98
N TRP A 923 36.01 -3.66 8.63
CA TRP A 923 37.50 -3.41 8.59
C TRP A 923 38.35 -4.45 7.88
O3 GD9 B . 12.00 9.16 12.81
C4 GD9 B . 13.57 11.41 9.82
C5 GD9 B . 16.75 13.40 10.70
C6 GD9 B . 16.60 13.31 9.39
N1 GD9 B . 15.09 12.37 7.76
C7 GD9 B . 17.86 14.10 11.48
C8 GD9 B . 13.59 11.38 6.25
N2 GD9 B . 13.22 11.20 8.57
C9 GD9 B . 19.28 15.90 10.95
C10 GD9 B . 19.33 17.28 10.25
C11 GD9 B . 17.53 17.83 11.87
C12 GD9 B . 17.16 16.34 12.13
N3 GD9 B . 12.74 10.91 10.82
C13 GD9 B . 19.82 20.30 10.80
C14 GD9 B . 12.82 11.42 12.18
C15 GD9 B . 12.69 10.33 13.25
N4 GD9 B . 17.88 15.51 11.16
O2 GD9 B . 18.30 19.82 8.62
S2 GD9 B . 18.28 19.69 10.12
O1 GD9 B . 17.14 20.49 10.68
N5 GD9 B . 18.08 18.04 10.51
S1 GD9 B . 15.51 12.66 11.50
C2 GD9 B . 15.50 12.65 9.00
C1 GD9 B . 14.73 12.15 10.07
C3 GD9 B . 13.95 11.68 7.55
C18 GD9 B . 14.01 12.22 5.22
C19 GD9 B . 13.68 11.91 3.88
C20 GD9 B . 12.95 10.75 3.61
C21 GD9 B . 12.56 9.89 4.65
N6 GD9 B . 11.89 8.73 4.67
C22 GD9 B . 12.88 10.21 5.95
C23 GD9 B . 12.38 9.20 6.66
N7 GD9 B . 11.79 8.33 5.83
C16 GD9 B . 11.13 9.30 11.69
C17 GD9 B . 11.70 9.92 10.47
#